data_8FJB
#
_entry.id   8FJB
#
_cell.length_a   1.00
_cell.length_b   1.00
_cell.length_c   1.00
_cell.angle_alpha   90.00
_cell.angle_beta   90.00
_cell.angle_gamma   90.00
#
_symmetry.space_group_name_H-M   'P 1'
#
loop_
_entity.id
_entity.type
_entity.pdbx_description
1 polymer 'MHC class I antigen'
2 polymer Beta-2-microglobulin
3 polymer 'Melanoma-associated antigen 4 peptide'
4 polymer 'H2aM31345N Fab heavy chain'
5 polymer 'H2aM31345N Fab light chain'
#
loop_
_entity_poly.entity_id
_entity_poly.type
_entity_poly.pdbx_seq_one_letter_code
_entity_poly.pdbx_strand_id
1 'polypeptide(L)'
;MGSHSMRYFFTSVSRPGRGEPRFIAVGYVDDTQFVRFDSDAASQRMEPRAPWIEQEGPEYWDGETRKVKAHSQTHRVDLG
TLRGYYNQSEAGSHTVQRMYGCDVGSDWRFLRGYHQYAYDGKDYIALKEDLRSWTAADMAAQTTKHKWEAAHVAEQLRAY
LEGTCVEWLRRYLENGKETLQRTDAPKTHMTHHAVSDHEATLRCWALSFYPAEITLTWQRDGEDQTQDTELVETRPAGDG
TFQKWAAVVVPSGQEQRYTCHVQHEGLPKPLTLRWEP
;
A
2 'polypeptide(L)'
;MIQRTPKIQVYSRHPAENGKSNFLNCYVSGFHPSDIEVDLLKNGERIEKVEHSDLSFSKDWSFYLLYYTEFTPTEKDEYA
CRVNHVTLSQPKIVKWDRDM
;
B
3 'polypeptide(L)' KVLEHVVRV C
4 'polypeptide(L)'
;QVQLVESGGGLVKPGGSLRLSCAASGFTFSEYYMTWIRQAPGQGLEWVSYISSSGFNIYYADSVKGRFTISRDNAKNSLF
LQMNSLRVEDTAVYYCAREGVTDGMDVWGQGTTVTVSSASTKGPSVFPLAPCSRSTSESTAALGCLVKDYFPEPVTVSWN
SGALTSGVHTFPAVLQSSGLYSLSSVVTVPSSSLGTKTYTCNVDHKPSNTKVDKRVESKYGPP
;
E
5 'polypeptide(L)'
;DIQMTQSPSSLSASVGDRVTITCRASQSISSYLNWYQQKPGKAPKLLIYAASSLQSGVPSRFSGSGSGTDFTLTISSLQP
EDFATYYCQQSYSTPPITFGQGTRLEIKRTVAAPSVFIFPPSDEQLKSGTASVVCLLNNFYPREAKVQWKVDNALQSGNS
QESVTEQDSKDSTYSLSSTLTLSKADYEKHKVYACEVTHQGLSSPVTKSFNRGEC
;
D
#
# COMPACT_ATOMS: atom_id res chain seq x y z
N GLY A 2 -8.13 7.77 -37.83
CA GLY A 2 -9.40 7.24 -37.38
C GLY A 2 -9.46 7.09 -35.87
N SER A 3 -10.24 6.11 -35.41
CA SER A 3 -10.35 5.85 -33.99
C SER A 3 -9.15 5.05 -33.51
N HIS A 4 -8.81 5.21 -32.23
CA HIS A 4 -7.68 4.51 -31.64
C HIS A 4 -8.02 4.15 -30.20
N SER A 5 -7.23 3.23 -29.64
CA SER A 5 -7.51 2.73 -28.31
C SER A 5 -6.23 2.21 -27.68
N MET A 6 -6.20 2.24 -26.34
CA MET A 6 -5.09 1.69 -25.56
C MET A 6 -5.70 0.77 -24.52
N ARG A 7 -5.13 -0.43 -24.37
CA ARG A 7 -5.66 -1.40 -23.42
C ARG A 7 -4.56 -2.02 -22.59
N TYR A 8 -4.96 -2.54 -21.43
CA TYR A 8 -4.05 -3.23 -20.52
C TYR A 8 -4.73 -4.50 -20.05
N PHE A 9 -4.01 -5.61 -20.12
CA PHE A 9 -4.53 -6.92 -19.71
C PHE A 9 -3.68 -7.47 -18.58
N PHE A 10 -4.32 -7.98 -17.55
CA PHE A 10 -3.63 -8.54 -16.39
C PHE A 10 -4.21 -9.90 -16.08
N THR A 11 -3.33 -10.86 -15.78
CA THR A 11 -3.74 -12.22 -15.46
C THR A 11 -2.96 -12.72 -14.27
N SER A 12 -3.64 -13.41 -13.37
CA SER A 12 -3.00 -13.98 -12.19
C SER A 12 -3.53 -15.39 -11.97
N VAL A 13 -2.62 -16.34 -11.82
CA VAL A 13 -2.96 -17.76 -11.70
C VAL A 13 -2.30 -18.31 -10.45
N SER A 14 -3.09 -18.87 -9.55
CA SER A 14 -2.55 -19.43 -8.32
C SER A 14 -1.95 -20.80 -8.58
N ARG A 15 -0.96 -21.16 -7.77
CA ARG A 15 -0.24 -22.43 -7.92
C ARG A 15 -0.09 -23.06 -6.54
N PRO A 16 -1.04 -23.91 -6.15
CA PRO A 16 -1.01 -24.50 -4.80
C PRO A 16 0.13 -25.48 -4.66
N GLY A 17 1.00 -25.25 -3.67
CA GLY A 17 2.12 -26.12 -3.44
C GLY A 17 3.30 -25.90 -4.36
N ARG A 18 3.35 -24.75 -5.04
CA ARG A 18 4.45 -24.47 -5.95
C ARG A 18 4.95 -23.04 -5.81
N GLY A 19 4.65 -22.38 -4.70
CA GLY A 19 5.19 -21.06 -4.46
C GLY A 19 4.21 -19.92 -4.72
N GLU A 20 4.73 -18.85 -5.27
CA GLU A 20 3.94 -17.65 -5.55
C GLU A 20 3.08 -17.86 -6.80
N PRO A 21 1.98 -17.13 -6.93
CA PRO A 21 1.18 -17.22 -8.14
C PRO A 21 1.87 -16.58 -9.32
N ARG A 22 1.34 -16.85 -10.51
CA ARG A 22 1.90 -16.34 -11.75
C ARG A 22 1.19 -15.05 -12.15
N PHE A 23 1.96 -14.04 -12.53
CA PHE A 23 1.41 -12.74 -12.91
C PHE A 23 1.94 -12.35 -14.29
N ILE A 24 1.04 -11.95 -15.17
CA ILE A 24 1.40 -11.50 -16.52
C ILE A 24 0.61 -10.23 -16.83
N ALA A 25 1.28 -9.25 -17.43
CA ALA A 25 0.63 -8.02 -17.85
C ALA A 25 1.13 -7.62 -19.22
N VAL A 26 0.21 -7.21 -20.10
CA VAL A 26 0.57 -6.74 -21.43
C VAL A 26 -0.20 -5.46 -21.72
N GLY A 27 0.36 -4.63 -22.58
CA GLY A 27 -0.26 -3.39 -22.97
C GLY A 27 -0.37 -3.33 -24.48
N TYR A 28 -1.50 -2.85 -24.96
CA TYR A 28 -1.74 -2.77 -26.39
C TYR A 28 -2.21 -1.39 -26.81
N VAL A 29 -1.69 -0.91 -27.94
CA VAL A 29 -2.15 0.33 -28.55
C VAL A 29 -2.69 -0.09 -29.91
N ASP A 30 -3.99 0.08 -30.13
CA ASP A 30 -4.66 -0.42 -31.34
C ASP A 30 -4.47 -1.93 -31.34
N ASP A 31 -3.84 -2.51 -32.36
CA ASP A 31 -3.57 -3.94 -32.43
C ASP A 31 -2.09 -4.26 -32.22
N THR A 32 -1.31 -3.32 -31.71
CA THR A 32 0.13 -3.50 -31.53
C THR A 32 0.49 -3.50 -30.06
N GLN A 33 1.23 -4.52 -29.65
CA GLN A 33 1.67 -4.66 -28.27
C GLN A 33 2.95 -3.86 -28.06
N PHE A 34 3.05 -3.16 -26.93
CA PHE A 34 4.21 -2.32 -26.69
C PHE A 34 4.89 -2.48 -25.34
N VAL A 35 4.29 -3.18 -24.38
CA VAL A 35 4.94 -3.48 -23.10
C VAL A 35 4.53 -4.87 -22.64
N ARG A 36 5.26 -5.39 -21.65
CA ARG A 36 4.93 -6.67 -21.03
C ARG A 36 5.68 -6.79 -19.72
N PHE A 37 5.10 -7.56 -18.79
CA PHE A 37 5.73 -7.85 -17.51
C PHE A 37 5.40 -9.30 -17.17
N ASP A 38 6.41 -10.07 -16.80
CA ASP A 38 6.24 -11.47 -16.44
C ASP A 38 6.94 -11.73 -15.13
N SER A 39 6.22 -12.34 -14.18
CA SER A 39 6.80 -12.58 -12.86
C SER A 39 7.84 -13.69 -12.89
N ASP A 40 7.77 -14.60 -13.86
CA ASP A 40 8.73 -15.69 -13.94
C ASP A 40 10.02 -15.31 -14.66
N ALA A 41 10.05 -14.17 -15.33
CA ALA A 41 11.26 -13.74 -16.01
C ALA A 41 12.34 -13.36 -14.99
N ALA A 42 13.56 -13.17 -15.48
CA ALA A 42 14.69 -12.90 -14.61
C ALA A 42 14.85 -11.43 -14.27
N SER A 43 14.42 -10.53 -15.16
CA SER A 43 14.68 -9.11 -14.96
C SER A 43 13.81 -8.52 -13.86
N GLN A 44 12.54 -8.93 -13.77
CA GLN A 44 11.57 -8.35 -12.85
C GLN A 44 11.35 -6.86 -13.15
N ARG A 45 11.29 -6.53 -14.43
CA ARG A 45 11.09 -5.16 -14.88
C ARG A 45 10.05 -5.14 -15.98
N MET A 46 9.56 -3.94 -16.29
CA MET A 46 8.67 -3.74 -17.43
C MET A 46 9.51 -3.63 -18.70
N GLU A 47 9.24 -4.49 -19.66
CA GLU A 47 10.09 -4.51 -20.83
C GLU A 47 9.36 -3.95 -22.05
N PRO A 48 10.07 -3.27 -22.93
CA PRO A 48 9.45 -2.75 -24.15
C PRO A 48 9.42 -3.78 -25.28
N ARG A 49 8.36 -3.69 -26.09
CA ARG A 49 8.15 -4.60 -27.20
C ARG A 49 7.92 -3.86 -28.52
N ALA A 50 8.25 -2.58 -28.59
CA ALA A 50 8.10 -1.81 -29.80
C ALA A 50 9.27 -0.86 -29.93
N PRO A 51 9.61 -0.46 -31.16
CA PRO A 51 10.74 0.47 -31.31
C PRO A 51 10.44 1.88 -30.82
N TRP A 52 9.20 2.34 -30.95
CA TRP A 52 8.90 3.73 -30.60
C TRP A 52 8.81 3.98 -29.11
N ILE A 53 8.66 2.93 -28.30
CA ILE A 53 8.55 3.12 -26.85
C ILE A 53 9.90 3.09 -26.15
N GLU A 54 10.96 2.69 -26.85
CA GLU A 54 12.27 2.59 -26.22
C GLU A 54 12.96 3.94 -26.04
N GLN A 55 12.37 5.02 -26.54
CA GLN A 55 12.95 6.35 -26.40
C GLN A 55 12.50 7.08 -25.14
N GLU A 56 11.93 6.36 -24.18
CA GLU A 56 11.53 6.95 -22.92
C GLU A 56 12.66 6.87 -21.91
N GLY A 57 12.60 7.74 -20.90
CA GLY A 57 13.65 7.82 -19.92
C GLY A 57 13.59 6.68 -18.92
N PRO A 58 14.55 6.68 -17.99
CA PRO A 58 14.55 5.65 -16.94
C PRO A 58 13.46 5.83 -15.90
N GLU A 59 13.03 7.07 -15.66
CA GLU A 59 11.97 7.27 -14.68
C GLU A 59 10.66 6.65 -15.15
N TYR A 60 10.41 6.65 -16.46
CA TYR A 60 9.24 5.98 -17.00
C TYR A 60 9.21 4.52 -16.61
N TRP A 61 10.33 3.82 -16.85
CA TRP A 61 10.39 2.39 -16.55
C TRP A 61 10.36 2.11 -15.06
N ASP A 62 10.98 2.98 -14.25
CA ASP A 62 10.90 2.82 -12.80
C ASP A 62 9.46 2.90 -12.32
N GLY A 63 8.74 3.94 -12.76
CA GLY A 63 7.35 4.07 -12.37
C GLY A 63 6.50 2.90 -12.83
N GLU A 64 6.71 2.46 -14.08
CA GLU A 64 5.93 1.34 -14.60
C GLU A 64 6.16 0.07 -13.77
N THR A 65 7.42 -0.21 -13.44
CA THR A 65 7.71 -1.40 -12.64
C THR A 65 7.03 -1.32 -11.28
N ARG A 66 7.16 -0.17 -10.61
CA ARG A 66 6.53 -0.01 -9.30
C ARG A 66 5.03 -0.24 -9.37
N LYS A 67 4.36 0.37 -10.34
CA LYS A 67 2.91 0.28 -10.41
C LYS A 67 2.44 -1.12 -10.78
N VAL A 68 3.17 -1.81 -11.67
CA VAL A 68 2.76 -3.17 -12.01
C VAL A 68 2.96 -4.11 -10.82
N LYS A 69 4.00 -3.88 -10.01
CA LYS A 69 4.14 -4.70 -8.81
C LYS A 69 3.01 -4.45 -7.82
N ALA A 70 2.55 -3.20 -7.71
CA ALA A 70 1.36 -2.93 -6.90
C ALA A 70 0.15 -3.69 -7.40
N HIS A 71 -0.05 -3.72 -8.72
CA HIS A 71 -1.14 -4.50 -9.30
C HIS A 71 -1.04 -5.96 -8.88
N SER A 72 0.16 -6.54 -8.97
CA SER A 72 0.31 -7.96 -8.65
C SER A 72 0.01 -8.23 -7.17
N GLN A 73 0.42 -7.31 -6.30
CA GLN A 73 0.13 -7.46 -4.87
C GLN A 73 -1.38 -7.48 -4.60
N THR A 74 -2.11 -6.54 -5.20
CA THR A 74 -3.56 -6.56 -5.02
C THR A 74 -4.18 -7.84 -5.58
N HIS A 75 -3.70 -8.31 -6.72
CA HIS A 75 -4.26 -9.52 -7.31
C HIS A 75 -4.01 -10.74 -6.45
N ARG A 76 -2.89 -10.75 -5.75
CA ARG A 76 -2.55 -11.86 -4.86
C ARG A 76 -3.40 -11.87 -3.60
N VAL A 77 -3.81 -10.71 -3.10
CA VAL A 77 -4.82 -10.71 -2.03
C VAL A 77 -6.20 -11.11 -2.56
N ASP A 78 -6.53 -10.68 -3.78
CA ASP A 78 -7.83 -10.98 -4.37
C ASP A 78 -8.05 -12.47 -4.59
N LEU A 79 -7.02 -13.19 -5.02
CA LEU A 79 -7.16 -14.63 -5.19
C LEU A 79 -7.63 -15.29 -3.89
N GLY A 80 -6.98 -14.98 -2.78
CA GLY A 80 -7.40 -15.52 -1.49
C GLY A 80 -8.83 -15.15 -1.15
N THR A 81 -9.15 -13.86 -1.24
CA THR A 81 -10.51 -13.44 -0.83
C THR A 81 -11.57 -14.12 -1.67
N LEU A 82 -11.37 -14.18 -2.99
CA LEU A 82 -12.38 -14.75 -3.87
C LEU A 82 -12.52 -16.25 -3.65
N ARG A 83 -11.41 -16.95 -3.37
CA ARG A 83 -11.53 -18.34 -2.95
C ARG A 83 -12.38 -18.44 -1.68
N GLY A 84 -12.24 -17.47 -0.78
CA GLY A 84 -13.06 -17.48 0.42
C GLY A 84 -14.54 -17.31 0.13
N TYR A 85 -14.89 -16.46 -0.84
CA TYR A 85 -16.30 -16.19 -1.08
C TYR A 85 -17.04 -17.41 -1.60
N TYR A 86 -16.45 -18.15 -2.53
CA TYR A 86 -17.15 -19.21 -3.25
C TYR A 86 -17.04 -20.58 -2.57
N ASN A 87 -16.57 -20.64 -1.34
CA ASN A 87 -16.51 -21.88 -0.57
C ASN A 87 -15.71 -22.96 -1.29
N GLN A 88 -14.56 -22.59 -1.84
CA GLN A 88 -13.71 -23.51 -2.56
C GLN A 88 -12.52 -23.93 -1.69
N SER A 89 -11.96 -25.08 -2.04
CA SER A 89 -10.85 -25.64 -1.28
C SER A 89 -9.52 -25.07 -1.78
N GLU A 90 -8.46 -25.34 -1.01
CA GLU A 90 -7.12 -24.88 -1.34
C GLU A 90 -6.33 -25.87 -2.18
N ALA A 91 -7.01 -26.72 -2.95
CA ALA A 91 -6.35 -27.73 -3.76
C ALA A 91 -6.20 -27.31 -5.22
N GLY A 92 -7.19 -26.63 -5.78
CA GLY A 92 -7.17 -26.26 -7.17
C GLY A 92 -6.54 -24.91 -7.44
N SER A 93 -6.23 -24.67 -8.71
CA SER A 93 -5.69 -23.41 -9.17
C SER A 93 -6.79 -22.59 -9.85
N HIS A 94 -6.81 -21.30 -9.57
CA HIS A 94 -7.85 -20.41 -10.08
C HIS A 94 -7.21 -19.20 -10.75
N THR A 95 -8.04 -18.42 -11.44
CA THR A 95 -7.58 -17.33 -12.28
C THR A 95 -8.42 -16.08 -12.01
N VAL A 96 -7.76 -14.92 -11.96
CA VAL A 96 -8.42 -13.61 -11.97
C VAL A 96 -7.88 -12.83 -13.15
N GLN A 97 -8.74 -12.06 -13.80
CA GLN A 97 -8.35 -11.30 -14.98
C GLN A 97 -8.92 -9.90 -14.89
N ARG A 98 -8.15 -8.92 -15.36
CA ARG A 98 -8.54 -7.52 -15.30
C ARG A 98 -8.21 -6.86 -16.63
N MET A 99 -9.03 -5.88 -17.00
CA MET A 99 -8.86 -5.16 -18.26
C MET A 99 -9.41 -3.75 -18.14
N TYR A 100 -8.65 -2.77 -18.60
CA TYR A 100 -9.16 -1.40 -18.67
C TYR A 100 -8.45 -0.65 -19.79
N GLY A 101 -9.00 0.49 -20.15
CA GLY A 101 -8.45 1.28 -21.24
C GLY A 101 -9.41 2.39 -21.62
N CYS A 102 -9.13 3.00 -22.77
CA CYS A 102 -9.90 4.14 -23.22
C CYS A 102 -9.89 4.20 -24.75
N ASP A 103 -10.88 4.89 -25.30
CA ASP A 103 -10.99 5.09 -26.74
C ASP A 103 -10.99 6.57 -27.07
N VAL A 104 -10.46 6.92 -28.24
CA VAL A 104 -10.51 8.28 -28.75
C VAL A 104 -11.06 8.24 -30.17
N GLY A 105 -11.56 9.37 -30.63
CA GLY A 105 -12.14 9.49 -31.95
C GLY A 105 -11.15 10.01 -32.97
N SER A 106 -11.71 10.42 -34.12
CA SER A 106 -10.87 10.95 -35.20
C SER A 106 -10.23 12.27 -34.81
N ASP A 107 -10.88 13.04 -33.95
CA ASP A 107 -10.32 14.28 -33.43
C ASP A 107 -9.48 14.06 -32.18
N TRP A 108 -9.24 12.80 -31.82
CA TRP A 108 -8.43 12.44 -30.66
C TRP A 108 -9.05 12.96 -29.36
N ARG A 109 -10.37 12.81 -29.23
CA ARG A 109 -11.08 13.19 -28.03
C ARG A 109 -11.77 11.97 -27.42
N PHE A 110 -11.93 12.00 -26.10
CA PHE A 110 -12.42 10.85 -25.34
C PHE A 110 -13.79 10.37 -25.82
N LEU A 111 -13.93 9.06 -25.99
CA LEU A 111 -15.19 8.44 -26.40
C LEU A 111 -15.75 7.46 -25.38
N ARG A 112 -14.94 6.51 -24.91
CA ARG A 112 -15.39 5.53 -23.93
C ARG A 112 -14.23 5.07 -23.07
N GLY A 113 -14.57 4.50 -21.93
CA GLY A 113 -13.59 3.88 -21.06
C GLY A 113 -14.19 2.62 -20.46
N TYR A 114 -13.32 1.66 -20.18
CA TYR A 114 -13.72 0.36 -19.68
C TYR A 114 -12.95 -0.01 -18.43
N HIS A 115 -13.52 -0.89 -17.63
CA HIS A 115 -12.81 -1.51 -16.52
C HIS A 115 -13.58 -2.74 -16.09
N GLN A 116 -13.00 -3.92 -16.27
CA GLN A 116 -13.72 -5.17 -16.08
C GLN A 116 -12.90 -6.13 -15.23
N TYR A 117 -13.59 -7.06 -14.59
CA TYR A 117 -12.98 -8.03 -13.69
C TYR A 117 -13.67 -9.37 -13.85
N ALA A 118 -12.89 -10.45 -13.80
CA ALA A 118 -13.43 -11.79 -13.99
C ALA A 118 -12.76 -12.75 -13.02
N TYR A 119 -13.46 -13.84 -12.72
CA TYR A 119 -12.93 -14.89 -11.84
C TYR A 119 -13.29 -16.23 -12.45
N ASP A 120 -12.28 -17.04 -12.76
CA ASP A 120 -12.47 -18.35 -13.39
C ASP A 120 -13.20 -18.24 -14.72
N GLY A 121 -12.87 -17.21 -15.49
CA GLY A 121 -13.42 -17.08 -16.83
C GLY A 121 -14.83 -16.56 -16.91
N LYS A 122 -15.43 -16.15 -15.80
CA LYS A 122 -16.77 -15.60 -15.79
C LYS A 122 -16.74 -14.18 -15.27
N ASP A 123 -17.67 -13.36 -15.74
CA ASP A 123 -17.74 -11.98 -15.31
C ASP A 123 -17.96 -11.89 -13.80
N TYR A 124 -17.29 -10.93 -13.17
CA TYR A 124 -17.49 -10.67 -11.75
C TYR A 124 -18.09 -9.28 -11.51
N ILE A 125 -17.44 -8.23 -11.99
CA ILE A 125 -17.93 -6.88 -11.80
C ILE A 125 -17.36 -6.01 -12.92
N ALA A 126 -18.13 -5.01 -13.34
CA ALA A 126 -17.71 -4.16 -14.44
C ALA A 126 -18.23 -2.75 -14.22
N LEU A 127 -17.46 -1.78 -14.66
CA LEU A 127 -17.87 -0.38 -14.58
C LEU A 127 -18.80 -0.03 -15.73
N LYS A 128 -19.89 0.66 -15.41
CA LYS A 128 -20.86 1.01 -16.44
C LYS A 128 -20.34 2.14 -17.32
N GLU A 129 -21.11 2.47 -18.34
CA GLU A 129 -20.64 3.41 -19.37
C GLU A 129 -20.52 4.83 -18.84
N ASP A 130 -21.36 5.20 -17.87
CA ASP A 130 -21.32 6.56 -17.32
C ASP A 130 -20.20 6.75 -16.31
N LEU A 131 -19.42 5.72 -16.02
CA LEU A 131 -18.26 5.79 -15.13
C LEU A 131 -18.63 6.19 -13.70
N ARG A 132 -19.81 5.75 -13.23
CA ARG A 132 -20.17 6.00 -11.84
C ARG A 132 -20.77 4.82 -11.11
N SER A 133 -21.19 3.75 -11.80
CA SER A 133 -21.85 2.62 -11.15
C SER A 133 -21.26 1.31 -11.66
N TRP A 134 -21.58 0.23 -10.96
CA TRP A 134 -21.00 -1.08 -11.22
C TRP A 134 -22.10 -2.09 -11.54
N THR A 135 -21.74 -3.14 -12.30
CA THR A 135 -22.68 -4.20 -12.65
C THR A 135 -22.19 -5.54 -12.11
N ALA A 136 -22.89 -6.09 -11.13
CA ALA A 136 -22.49 -7.30 -10.43
C ALA A 136 -23.51 -8.41 -10.67
N ALA A 137 -23.24 -9.39 -11.53
CA ALA A 137 -24.26 -10.40 -11.81
C ALA A 137 -24.28 -11.60 -10.84
N ASP A 138 -23.70 -11.49 -9.66
CA ASP A 138 -23.72 -12.59 -8.68
C ASP A 138 -23.79 -12.00 -7.28
N MET A 139 -24.28 -12.80 -6.34
CA MET A 139 -24.41 -12.39 -4.94
C MET A 139 -23.07 -11.98 -4.30
N ALA A 140 -21.98 -12.65 -4.62
CA ALA A 140 -20.70 -12.21 -4.04
C ALA A 140 -20.27 -10.89 -4.65
N ALA A 141 -20.53 -10.69 -5.94
CA ALA A 141 -20.21 -9.39 -6.51
C ALA A 141 -21.09 -8.33 -5.89
N GLN A 142 -22.33 -8.66 -5.53
CA GLN A 142 -23.17 -7.71 -4.82
C GLN A 142 -22.52 -7.27 -3.50
N THR A 143 -21.96 -8.24 -2.77
CA THR A 143 -21.24 -7.89 -1.55
C THR A 143 -20.08 -6.94 -1.85
N THR A 144 -19.31 -7.23 -2.90
CA THR A 144 -18.21 -6.35 -3.28
C THR A 144 -18.71 -4.99 -3.74
N LYS A 145 -19.82 -4.97 -4.46
CA LYS A 145 -20.37 -3.75 -5.05
C LYS A 145 -20.87 -2.78 -4.01
N HIS A 146 -21.37 -3.26 -2.87
CA HIS A 146 -21.78 -2.28 -1.88
C HIS A 146 -20.57 -1.65 -1.20
N LYS A 147 -19.49 -2.40 -1.04
CA LYS A 147 -18.26 -1.84 -0.49
C LYS A 147 -17.68 -0.80 -1.44
N TRP A 148 -17.69 -1.11 -2.74
CA TRP A 148 -17.08 -0.20 -3.70
C TRP A 148 -17.94 1.04 -3.95
N GLU A 149 -19.26 0.92 -3.80
CA GLU A 149 -20.10 2.09 -3.97
C GLU A 149 -20.11 2.97 -2.72
N ALA A 150 -19.84 2.38 -1.56
CA ALA A 150 -19.69 3.20 -0.36
C ALA A 150 -18.35 3.91 -0.27
N ALA A 151 -17.36 3.53 -1.08
CA ALA A 151 -16.01 4.05 -0.96
C ALA A 151 -15.58 4.89 -2.15
N HIS A 152 -16.40 5.02 -3.19
CA HIS A 152 -16.14 5.92 -4.31
C HIS A 152 -14.83 5.58 -5.02
N VAL A 153 -14.83 4.39 -5.63
CA VAL A 153 -13.71 3.96 -6.47
C VAL A 153 -13.86 4.51 -7.89
N ALA A 154 -15.10 4.64 -8.34
CA ALA A 154 -15.36 5.16 -9.67
C ALA A 154 -14.82 6.56 -9.84
N GLU A 155 -14.56 7.26 -8.73
CA GLU A 155 -14.00 8.61 -8.83
C GLU A 155 -12.58 8.57 -9.37
N GLN A 156 -11.74 7.72 -8.78
CA GLN A 156 -10.39 7.56 -9.30
C GLN A 156 -10.41 7.01 -10.71
N LEU A 157 -11.28 6.03 -10.98
CA LEU A 157 -11.29 5.46 -12.33
C LEU A 157 -11.71 6.49 -13.37
N ARG A 158 -12.73 7.30 -13.07
CA ARG A 158 -13.19 8.32 -14.00
C ARG A 158 -12.11 9.35 -14.26
N ALA A 159 -11.48 9.84 -13.20
CA ALA A 159 -10.40 10.82 -13.37
C ALA A 159 -9.29 10.25 -14.24
N TYR A 160 -8.84 9.03 -13.93
CA TYR A 160 -7.75 8.43 -14.69
C TYR A 160 -8.12 8.29 -16.16
N LEU A 161 -9.29 7.71 -16.45
CA LEU A 161 -9.66 7.39 -17.82
C LEU A 161 -9.86 8.65 -18.65
N GLU A 162 -10.50 9.67 -18.09
CA GLU A 162 -10.69 10.90 -18.84
C GLU A 162 -9.45 11.78 -18.89
N GLY A 163 -8.44 11.49 -18.07
CA GLY A 163 -7.20 12.23 -18.05
C GLY A 163 -6.04 11.48 -18.66
N THR A 164 -5.33 10.76 -17.78
CA THR A 164 -4.02 10.21 -18.09
C THR A 164 -4.09 9.26 -19.28
N CYS A 165 -5.11 8.41 -19.33
CA CYS A 165 -5.23 7.47 -20.44
C CYS A 165 -5.20 8.20 -21.78
N VAL A 166 -6.07 9.21 -21.94
CA VAL A 166 -6.18 9.89 -23.22
C VAL A 166 -4.93 10.70 -23.51
N GLU A 167 -4.38 11.38 -22.50
CA GLU A 167 -3.19 12.19 -22.73
C GLU A 167 -2.03 11.34 -23.23
N TRP A 168 -1.74 10.24 -22.51
CA TRP A 168 -0.61 9.42 -22.93
C TRP A 168 -0.91 8.60 -24.19
N LEU A 169 -2.18 8.31 -24.48
CA LEU A 169 -2.48 7.70 -25.76
C LEU A 169 -2.17 8.65 -26.91
N ARG A 170 -2.53 9.93 -26.77
CA ARG A 170 -2.15 10.90 -27.79
C ARG A 170 -0.64 10.98 -27.92
N ARG A 171 0.07 10.97 -26.79
CA ARG A 171 1.53 11.00 -26.86
C ARG A 171 2.09 9.80 -27.61
N TYR A 172 1.59 8.60 -27.32
CA TYR A 172 2.06 7.40 -28.01
C TYR A 172 1.76 7.45 -29.49
N LEU A 173 0.56 7.90 -29.86
CA LEU A 173 0.23 8.03 -31.28
C LEU A 173 1.13 9.04 -31.97
N GLU A 174 1.56 10.07 -31.25
CA GLU A 174 2.50 11.03 -31.84
C GLU A 174 3.88 10.43 -32.00
N ASN A 175 4.35 9.65 -31.03
CA ASN A 175 5.69 9.09 -31.11
C ASN A 175 5.80 8.06 -32.22
N GLY A 176 5.05 6.98 -32.13
CA GLY A 176 5.09 5.93 -33.13
C GLY A 176 4.17 6.21 -34.30
N LYS A 177 4.37 7.36 -34.94
CA LYS A 177 3.44 7.80 -35.99
C LYS A 177 3.59 6.97 -37.25
N GLU A 178 4.83 6.58 -37.59
CA GLU A 178 5.06 5.86 -38.83
C GLU A 178 4.45 4.47 -38.83
N THR A 179 4.24 3.88 -37.65
CA THR A 179 3.72 2.53 -37.52
C THR A 179 2.26 2.49 -37.10
N LEU A 180 1.87 3.29 -36.11
CA LEU A 180 0.54 3.18 -35.53
C LEU A 180 -0.53 3.80 -36.42
N GLN A 181 -0.19 4.79 -37.23
CA GLN A 181 -1.18 5.48 -38.06
C GLN A 181 -1.08 5.07 -39.52
N ARG A 182 -0.82 3.79 -39.77
CA ARG A 182 -0.74 3.26 -41.11
C ARG A 182 -1.93 2.35 -41.39
N THR A 183 -2.24 2.18 -42.68
CA THR A 183 -3.22 1.21 -43.13
C THR A 183 -2.61 0.41 -44.27
N ASP A 184 -2.83 -0.90 -44.26
CA ASP A 184 -2.30 -1.79 -45.28
C ASP A 184 -3.48 -2.49 -45.96
N ALA A 185 -3.67 -2.21 -47.24
CA ALA A 185 -4.74 -2.86 -47.97
C ALA A 185 -4.43 -4.34 -48.15
N PRO A 186 -5.43 -5.22 -48.11
CA PRO A 186 -5.15 -6.65 -48.22
C PRO A 186 -4.80 -7.03 -49.65
N LYS A 187 -3.80 -7.90 -49.79
CA LYS A 187 -3.42 -8.45 -51.08
C LYS A 187 -4.22 -9.73 -51.31
N THR A 188 -5.36 -9.59 -51.97
CA THR A 188 -6.33 -10.66 -52.06
C THR A 188 -6.22 -11.41 -53.38
N HIS A 189 -6.47 -12.72 -53.32
CA HIS A 189 -6.56 -13.57 -54.50
C HIS A 189 -7.44 -14.76 -54.16
N MET A 190 -7.71 -15.59 -55.16
CA MET A 190 -8.62 -16.71 -55.00
C MET A 190 -8.02 -17.97 -55.62
N THR A 191 -8.27 -19.11 -54.99
CA THR A 191 -7.79 -20.41 -55.47
C THR A 191 -8.97 -21.33 -55.72
N HIS A 192 -8.66 -22.50 -56.31
CA HIS A 192 -9.68 -23.47 -56.68
C HIS A 192 -9.16 -24.88 -56.46
N HIS A 193 -9.99 -25.72 -55.85
CA HIS A 193 -9.67 -27.10 -55.52
C HIS A 193 -10.88 -27.97 -55.85
N ALA A 194 -10.61 -29.14 -56.43
CA ALA A 194 -11.66 -30.08 -56.79
C ALA A 194 -12.13 -30.91 -55.59
N VAL A 195 -13.45 -31.09 -55.50
CA VAL A 195 -14.08 -31.89 -54.47
C VAL A 195 -14.85 -32.98 -55.22
N SER A 196 -14.08 -33.92 -55.75
CA SER A 196 -14.48 -35.15 -56.45
C SER A 196 -15.28 -34.86 -57.73
N ASP A 197 -16.12 -35.83 -58.11
CA ASP A 197 -16.84 -35.80 -59.38
C ASP A 197 -17.79 -34.61 -59.55
N HIS A 198 -18.53 -34.23 -58.50
CA HIS A 198 -19.58 -33.24 -58.71
C HIS A 198 -19.49 -31.97 -57.87
N GLU A 199 -18.33 -31.64 -57.33
CA GLU A 199 -18.23 -30.44 -56.50
C GLU A 199 -16.82 -29.87 -56.61
N ALA A 200 -16.69 -28.63 -56.13
CA ALA A 200 -15.40 -27.97 -56.00
C ALA A 200 -15.51 -26.96 -54.86
N THR A 201 -14.35 -26.54 -54.36
CA THR A 201 -14.27 -25.56 -53.28
C THR A 201 -13.49 -24.35 -53.76
N LEU A 202 -14.05 -23.17 -53.58
CA LEU A 202 -13.38 -21.91 -53.90
C LEU A 202 -12.98 -21.23 -52.60
N ARG A 203 -11.75 -20.75 -52.55
CA ARG A 203 -11.20 -20.12 -51.35
C ARG A 203 -10.79 -18.70 -51.65
N CYS A 204 -11.31 -17.75 -50.87
CA CYS A 204 -11.04 -16.33 -51.03
C CYS A 204 -10.04 -15.90 -49.97
N TRP A 205 -8.91 -15.34 -50.38
CA TRP A 205 -7.83 -15.00 -49.47
C TRP A 205 -7.74 -13.49 -49.26
N ALA A 206 -7.08 -13.12 -48.17
CA ALA A 206 -6.76 -11.72 -47.88
C ALA A 206 -5.58 -11.70 -46.94
N LEU A 207 -4.41 -11.28 -47.44
CA LEU A 207 -3.17 -11.46 -46.72
C LEU A 207 -2.49 -10.12 -46.43
N SER A 208 -1.92 -10.03 -45.22
CA SER A 208 -1.06 -8.92 -44.82
C SER A 208 -1.79 -7.58 -44.89
N PHE A 209 -2.80 -7.43 -44.05
CA PHE A 209 -3.52 -6.18 -43.90
C PHE A 209 -3.39 -5.68 -42.46
N TYR A 210 -3.78 -4.43 -42.24
CA TYR A 210 -3.73 -3.83 -40.93
C TYR A 210 -4.67 -2.61 -40.88
N PRO A 211 -5.49 -2.48 -39.83
CA PRO A 211 -5.62 -3.35 -38.66
C PRO A 211 -6.44 -4.61 -38.90
N ALA A 212 -6.79 -5.29 -37.82
CA ALA A 212 -7.37 -6.62 -37.89
C ALA A 212 -8.83 -6.64 -38.34
N GLU A 213 -9.50 -5.50 -38.36
CA GLU A 213 -10.91 -5.47 -38.72
C GLU A 213 -11.08 -5.60 -40.24
N ILE A 214 -11.75 -6.66 -40.66
CA ILE A 214 -12.01 -6.93 -42.08
C ILE A 214 -13.33 -7.68 -42.18
N THR A 215 -13.87 -7.75 -43.40
CA THR A 215 -15.13 -8.45 -43.65
C THR A 215 -15.01 -9.21 -44.96
N LEU A 216 -15.19 -10.52 -44.91
CA LEU A 216 -15.17 -11.39 -46.08
C LEU A 216 -16.51 -12.11 -46.18
N THR A 217 -17.25 -11.83 -47.25
CA THR A 217 -18.56 -12.43 -47.46
C THR A 217 -18.67 -12.95 -48.89
N TRP A 218 -19.43 -14.03 -49.05
CA TRP A 218 -19.68 -14.62 -50.35
C TRP A 218 -21.06 -14.23 -50.87
N GLN A 219 -21.15 -14.05 -52.19
CA GLN A 219 -22.41 -13.70 -52.83
C GLN A 219 -22.55 -14.53 -54.10
N ARG A 220 -23.72 -15.13 -54.27
CA ARG A 220 -24.05 -15.88 -55.48
C ARG A 220 -25.19 -15.13 -56.16
N ASP A 221 -24.88 -14.48 -57.28
CA ASP A 221 -25.84 -13.68 -58.05
C ASP A 221 -26.47 -12.56 -57.22
N GLY A 222 -25.72 -12.02 -56.26
CA GLY A 222 -26.18 -10.91 -55.44
C GLY A 222 -26.93 -11.22 -54.17
N GLU A 223 -26.89 -12.46 -53.66
CA GLU A 223 -27.54 -12.79 -52.40
C GLU A 223 -26.52 -13.46 -51.49
N ASP A 224 -26.57 -13.11 -50.22
CA ASP A 224 -25.62 -13.65 -49.25
C ASP A 224 -25.94 -15.11 -48.94
N GLN A 225 -24.89 -15.86 -48.63
CA GLN A 225 -25.03 -17.27 -48.29
C GLN A 225 -25.04 -17.48 -46.78
N THR A 229 -20.59 -21.97 -46.33
CA THR A 229 -19.51 -21.00 -46.16
C THR A 229 -18.71 -21.32 -44.90
N GLU A 230 -17.39 -21.27 -45.02
CA GLU A 230 -16.48 -21.54 -43.90
C GLU A 230 -15.61 -20.33 -43.65
N LEU A 231 -15.56 -19.90 -42.39
CA LEU A 231 -14.80 -18.73 -41.98
C LEU A 231 -13.79 -19.12 -40.91
N VAL A 232 -12.57 -18.62 -41.05
CA VAL A 232 -11.54 -18.80 -40.04
C VAL A 232 -11.37 -17.49 -39.29
N GLU A 233 -10.73 -17.57 -38.13
CA GLU A 233 -10.50 -16.41 -37.30
C GLU A 233 -9.29 -15.64 -37.82
N THR A 234 -9.38 -14.30 -37.76
CA THR A 234 -8.28 -13.47 -38.21
C THR A 234 -7.02 -13.83 -37.43
N ARG A 235 -6.01 -14.28 -38.14
CA ARG A 235 -4.83 -14.80 -37.49
C ARG A 235 -3.64 -13.86 -37.69
N PRO A 236 -2.77 -13.73 -36.69
CA PRO A 236 -1.59 -12.88 -36.85
C PRO A 236 -0.57 -13.52 -37.76
N ALA A 237 -0.04 -12.73 -38.69
CA ALA A 237 1.00 -13.24 -39.57
C ALA A 237 2.36 -13.32 -38.90
N GLY A 238 2.54 -12.66 -37.75
CA GLY A 238 3.78 -12.74 -37.01
C GLY A 238 4.63 -11.49 -37.07
N ASP A 239 4.41 -10.61 -38.03
CA ASP A 239 5.23 -9.40 -38.15
C ASP A 239 4.40 -8.13 -38.25
N GLY A 240 3.31 -8.04 -37.49
CA GLY A 240 2.51 -6.85 -37.52
C GLY A 240 1.37 -6.81 -38.51
N THR A 241 1.14 -7.86 -39.28
CA THR A 241 -0.01 -7.90 -40.17
C THR A 241 -0.85 -9.12 -39.84
N PHE A 242 -1.96 -9.27 -40.57
CA PHE A 242 -2.94 -10.31 -40.29
C PHE A 242 -3.33 -11.03 -41.58
N GLN A 243 -4.04 -12.14 -41.42
CA GLN A 243 -4.49 -12.96 -42.54
C GLN A 243 -5.90 -13.46 -42.25
N LYS A 244 -6.58 -13.92 -43.30
CA LYS A 244 -7.92 -14.47 -43.20
C LYS A 244 -8.31 -15.06 -44.56
N TRP A 245 -9.14 -16.10 -44.53
CA TRP A 245 -9.71 -16.62 -45.77
C TRP A 245 -11.11 -17.17 -45.51
N ALA A 246 -11.88 -17.27 -46.59
CA ALA A 246 -13.23 -17.84 -46.55
C ALA A 246 -13.42 -18.74 -47.75
N ALA A 247 -14.14 -19.83 -47.56
CA ALA A 247 -14.32 -20.84 -48.60
C ALA A 247 -15.78 -21.26 -48.71
N VAL A 248 -16.16 -21.70 -49.91
CA VAL A 248 -17.50 -22.20 -50.17
C VAL A 248 -17.40 -23.38 -51.12
N VAL A 249 -18.31 -24.34 -50.96
CA VAL A 249 -18.36 -25.53 -51.81
C VAL A 249 -19.44 -25.33 -52.86
N VAL A 250 -19.04 -25.43 -54.13
CA VAL A 250 -19.98 -25.16 -55.22
C VAL A 250 -20.15 -26.42 -56.08
N PRO A 251 -21.30 -26.60 -56.72
CA PRO A 251 -21.42 -27.65 -57.73
C PRO A 251 -20.56 -27.33 -58.94
N SER A 252 -20.05 -28.38 -59.58
CA SER A 252 -19.16 -28.22 -60.70
C SER A 252 -19.84 -27.55 -61.88
N GLY A 253 -19.13 -26.63 -62.53
CA GLY A 253 -19.65 -25.86 -63.64
C GLY A 253 -20.31 -24.54 -63.26
N GLN A 254 -20.78 -24.40 -62.04
CA GLN A 254 -21.44 -23.17 -61.59
C GLN A 254 -20.49 -22.23 -60.86
N GLU A 255 -19.19 -22.32 -61.13
CA GLU A 255 -18.24 -21.46 -60.45
C GLU A 255 -18.35 -20.01 -60.88
N GLN A 256 -18.90 -19.74 -62.06
CA GLN A 256 -19.00 -18.38 -62.55
C GLN A 256 -20.13 -17.60 -61.92
N ARG A 257 -20.92 -18.22 -61.03
CA ARG A 257 -22.02 -17.55 -60.38
C ARG A 257 -21.65 -16.88 -59.06
N TYR A 258 -20.48 -17.20 -58.51
CA TYR A 258 -20.11 -16.76 -57.16
C TYR A 258 -19.09 -15.63 -57.22
N THR A 259 -19.19 -14.73 -56.24
CA THR A 259 -18.27 -13.61 -56.10
C THR A 259 -17.92 -13.40 -54.64
N CYS A 260 -16.71 -12.91 -54.39
CA CYS A 260 -16.21 -12.64 -53.05
C CYS A 260 -16.09 -11.14 -52.87
N HIS A 261 -16.60 -10.62 -51.76
CA HIS A 261 -16.59 -9.19 -51.47
C HIS A 261 -15.72 -8.93 -50.26
N VAL A 262 -14.85 -7.94 -50.36
CA VAL A 262 -13.87 -7.62 -49.32
C VAL A 262 -14.07 -6.17 -48.89
N GLN A 263 -14.22 -5.96 -47.59
CA GLN A 263 -14.35 -4.62 -47.03
C GLN A 263 -13.23 -4.37 -46.04
N HIS A 264 -12.49 -3.29 -46.24
CA HIS A 264 -11.43 -2.90 -45.32
C HIS A 264 -11.27 -1.39 -45.38
N GLU A 265 -10.91 -0.79 -44.25
CA GLU A 265 -10.72 0.66 -44.22
C GLU A 265 -9.44 1.08 -44.94
N GLY A 266 -8.54 0.17 -45.25
CA GLY A 266 -7.39 0.53 -46.06
C GLY A 266 -7.67 0.63 -47.54
N LEU A 267 -8.87 0.23 -47.97
CA LEU A 267 -9.42 0.30 -49.31
C LEU A 267 -10.33 1.49 -49.45
N PRO A 268 -10.25 2.25 -50.55
CA PRO A 268 -11.23 3.34 -50.75
C PRO A 268 -12.60 2.83 -51.13
N LYS A 269 -12.68 1.76 -51.92
CA LYS A 269 -13.93 1.19 -52.38
C LYS A 269 -13.88 -0.33 -52.23
N PRO A 270 -14.93 -0.96 -51.72
CA PRO A 270 -14.89 -2.40 -51.48
C PRO A 270 -14.59 -3.18 -52.76
N LEU A 271 -13.72 -4.15 -52.63
CA LEU A 271 -13.25 -4.95 -53.76
C LEU A 271 -14.17 -6.14 -54.01
N THR A 272 -14.21 -6.59 -55.25
CA THR A 272 -15.02 -7.74 -55.65
C THR A 272 -14.18 -8.68 -56.49
N LEU A 273 -14.12 -9.95 -56.08
CA LEU A 273 -13.33 -10.98 -56.74
C LEU A 273 -14.24 -11.98 -57.44
N ARG A 274 -13.90 -12.33 -58.67
CA ARG A 274 -14.61 -13.35 -59.43
C ARG A 274 -13.60 -14.40 -59.88
N TRP A 275 -14.09 -15.64 -60.01
CA TRP A 275 -13.21 -16.73 -60.43
C TRP A 275 -12.77 -16.55 -61.87
N GLU A 276 -11.47 -16.47 -62.08
CA GLU A 276 -10.88 -16.32 -63.41
C GLU A 276 -9.98 -17.51 -63.68
N PRO A 277 -10.46 -18.53 -64.41
CA PRO A 277 -9.66 -19.71 -64.73
C PRO A 277 -8.60 -19.42 -65.80
N ILE B 2 -17.37 -24.01 -17.47
CA ILE B 2 -16.47 -22.97 -17.94
C ILE B 2 -15.06 -23.54 -18.19
N GLN B 3 -14.98 -24.43 -19.15
CA GLN B 3 -13.71 -25.01 -19.60
C GLN B 3 -13.81 -25.21 -21.09
N ARG B 4 -12.97 -24.53 -21.85
CA ARG B 4 -13.05 -24.49 -23.30
C ARG B 4 -11.84 -25.12 -23.95
N THR B 5 -12.04 -25.65 -25.15
CA THR B 5 -11.11 -26.39 -25.98
C THR B 5 -10.46 -25.45 -26.99
N PRO B 6 -9.14 -25.53 -27.18
CA PRO B 6 -8.48 -24.62 -28.11
C PRO B 6 -8.82 -24.91 -29.56
N LYS B 7 -8.71 -23.86 -30.39
CA LYS B 7 -8.86 -23.95 -31.83
C LYS B 7 -7.50 -23.69 -32.47
N ILE B 8 -7.06 -24.61 -33.31
CA ILE B 8 -5.69 -24.65 -33.79
C ILE B 8 -5.64 -24.33 -35.27
N GLN B 9 -4.62 -23.56 -35.68
CA GLN B 9 -4.36 -23.26 -37.07
C GLN B 9 -2.86 -23.31 -37.32
N VAL B 10 -2.43 -24.10 -38.29
CA VAL B 10 -1.03 -24.17 -38.70
C VAL B 10 -0.90 -23.51 -40.07
N TYR B 11 0.03 -22.57 -40.19
CA TYR B 11 0.20 -21.82 -41.41
C TYR B 11 1.62 -21.28 -41.46
N SER B 12 1.92 -20.53 -42.52
CA SER B 12 3.22 -19.90 -42.69
C SER B 12 3.05 -18.39 -42.85
N ARG B 13 4.11 -17.66 -42.53
CA ARG B 13 4.03 -16.20 -42.55
C ARG B 13 3.87 -15.68 -43.98
N HIS B 14 4.71 -16.12 -44.89
CA HIS B 14 4.66 -15.74 -46.30
C HIS B 14 4.15 -16.89 -47.15
N PRO B 15 3.75 -16.63 -48.39
CA PRO B 15 3.39 -17.73 -49.29
C PRO B 15 4.52 -18.74 -49.41
N ALA B 16 4.20 -20.00 -49.15
CA ALA B 16 5.23 -21.04 -49.11
C ALA B 16 5.81 -21.27 -50.48
N GLU B 17 7.14 -21.27 -50.56
CA GLU B 17 7.85 -21.49 -51.82
C GLU B 17 9.07 -22.36 -51.54
N ASN B 18 9.17 -23.49 -52.24
CA ASN B 18 10.20 -24.47 -51.96
C ASN B 18 11.59 -23.87 -52.07
N GLY B 19 12.34 -23.88 -50.98
CA GLY B 19 13.71 -23.42 -50.96
C GLY B 19 13.92 -22.02 -50.43
N LYS B 20 12.86 -21.27 -50.14
CA LYS B 20 12.97 -19.91 -49.64
C LYS B 20 12.65 -19.88 -48.16
N SER B 21 13.50 -19.21 -47.39
CA SER B 21 13.32 -19.16 -45.94
C SER B 21 11.98 -18.52 -45.59
N ASN B 22 11.40 -18.98 -44.49
CA ASN B 22 10.04 -18.63 -44.13
C ASN B 22 9.88 -18.80 -42.63
N PHE B 23 8.63 -18.77 -42.15
CA PHE B 23 8.31 -19.00 -40.75
C PHE B 23 7.09 -19.89 -40.64
N LEU B 24 7.05 -20.72 -39.61
CA LEU B 24 5.92 -21.62 -39.36
C LEU B 24 5.22 -21.19 -38.09
N ASN B 25 3.91 -20.99 -38.17
CA ASN B 25 3.12 -20.50 -37.06
C ASN B 25 2.12 -21.56 -36.63
N CYS B 26 1.84 -21.61 -35.33
CA CYS B 26 0.78 -22.44 -34.79
C CYS B 26 -0.02 -21.57 -33.82
N TYR B 27 -1.25 -21.25 -34.19
CA TYR B 27 -2.05 -20.25 -33.47
C TYR B 27 -3.18 -20.97 -32.74
N VAL B 28 -3.03 -21.11 -31.43
CA VAL B 28 -4.07 -21.70 -30.57
C VAL B 28 -4.83 -20.58 -29.89
N SER B 29 -6.15 -20.70 -29.87
CA SER B 29 -6.98 -19.64 -29.31
C SER B 29 -8.27 -20.22 -28.74
N GLY B 30 -8.88 -19.48 -27.83
CA GLY B 30 -10.19 -19.81 -27.33
C GLY B 30 -10.24 -20.83 -26.22
N PHE B 31 -9.20 -20.93 -25.41
CA PHE B 31 -9.13 -21.95 -24.38
C PHE B 31 -9.13 -21.32 -22.99
N HIS B 32 -9.52 -22.13 -22.00
CA HIS B 32 -9.51 -21.76 -20.60
C HIS B 32 -9.50 -23.05 -19.77
N PRO B 33 -8.61 -23.19 -18.78
CA PRO B 33 -7.60 -22.27 -18.26
C PRO B 33 -6.36 -22.09 -19.13
N SER B 34 -5.34 -21.44 -18.56
CA SER B 34 -4.23 -20.93 -19.34
C SER B 34 -3.12 -21.94 -19.58
N ASP B 35 -3.09 -23.05 -18.85
CA ASP B 35 -2.03 -24.03 -19.01
C ASP B 35 -2.25 -24.84 -20.28
N ILE B 36 -1.24 -24.85 -21.16
CA ILE B 36 -1.33 -25.54 -22.43
C ILE B 36 0.07 -25.97 -22.85
N GLU B 37 0.15 -27.03 -23.65
CA GLU B 37 1.42 -27.59 -24.10
C GLU B 37 1.40 -27.66 -25.62
N VAL B 38 2.26 -26.87 -26.27
CA VAL B 38 2.29 -26.76 -27.72
C VAL B 38 3.70 -27.05 -28.22
N ASP B 39 3.80 -27.81 -29.30
CA ASP B 39 5.07 -28.15 -29.92
C ASP B 39 4.91 -28.13 -31.43
N LEU B 40 5.99 -27.79 -32.13
CA LEU B 40 6.04 -27.83 -33.58
C LEU B 40 6.91 -29.00 -34.01
N LEU B 41 6.42 -29.81 -34.94
CA LEU B 41 7.07 -31.05 -35.33
C LEU B 41 7.58 -30.97 -36.75
N LYS B 42 8.67 -31.67 -37.02
CA LYS B 42 9.20 -31.84 -38.38
C LYS B 42 9.46 -33.33 -38.59
N ASN B 43 8.69 -33.93 -39.51
CA ASN B 43 8.74 -35.37 -39.74
C ASN B 43 8.43 -36.16 -38.49
N GLY B 44 7.53 -35.63 -37.64
CA GLY B 44 7.16 -36.29 -36.42
C GLY B 44 8.09 -36.06 -35.25
N GLU B 45 9.28 -35.53 -35.49
CA GLU B 45 10.22 -35.23 -34.42
C GLU B 45 10.04 -33.78 -33.99
N ARG B 46 10.37 -33.51 -32.74
CA ARG B 46 10.08 -32.23 -32.11
C ARG B 46 11.17 -31.20 -32.39
N ILE B 47 10.77 -29.99 -32.75
CA ILE B 47 11.70 -28.89 -33.02
C ILE B 47 12.04 -28.20 -31.70
N GLU B 48 13.28 -27.73 -31.59
CA GLU B 48 13.80 -27.25 -30.31
C GLU B 48 13.83 -25.74 -30.17
N LYS B 49 13.95 -24.98 -31.26
CA LYS B 49 14.15 -23.54 -31.20
C LYS B 49 12.86 -22.75 -31.35
N VAL B 50 11.75 -23.25 -30.80
CA VAL B 50 10.45 -22.60 -30.95
C VAL B 50 10.30 -21.48 -29.94
N GLU B 51 9.71 -20.37 -30.38
CA GLU B 51 9.41 -19.23 -29.53
C GLU B 51 7.90 -19.02 -29.48
N HIS B 52 7.45 -18.23 -28.51
CA HIS B 52 6.04 -17.92 -28.40
C HIS B 52 5.85 -16.48 -27.91
N SER B 53 4.61 -16.02 -27.94
CA SER B 53 4.26 -14.66 -27.55
C SER B 53 3.73 -14.66 -26.13
N ASP B 54 3.25 -13.49 -25.68
CA ASP B 54 2.77 -13.32 -24.32
C ASP B 54 1.30 -13.66 -24.20
N LEU B 55 0.92 -14.14 -23.03
CA LEU B 55 -0.45 -14.60 -22.81
C LEU B 55 -1.41 -13.43 -22.69
N SER B 56 -2.41 -13.40 -23.56
CA SER B 56 -3.45 -12.39 -23.53
C SER B 56 -4.81 -13.06 -23.68
N PHE B 57 -5.88 -12.30 -23.54
CA PHE B 57 -7.22 -12.86 -23.64
C PHE B 57 -8.13 -11.93 -24.42
N SER B 58 -9.29 -12.46 -24.78
CA SER B 58 -10.26 -11.82 -25.65
C SER B 58 -11.41 -11.22 -24.83
N LYS B 59 -12.46 -10.77 -25.52
CA LYS B 59 -13.58 -10.14 -24.83
C LYS B 59 -14.38 -11.13 -23.99
N ASP B 60 -14.33 -12.41 -24.34
CA ASP B 60 -15.01 -13.46 -23.57
C ASP B 60 -14.09 -14.14 -22.58
N TRP B 61 -12.94 -13.54 -22.29
CA TRP B 61 -12.00 -13.98 -21.26
C TRP B 61 -11.24 -15.26 -21.63
N SER B 62 -11.21 -15.63 -22.91
CA SER B 62 -10.50 -16.82 -23.34
C SER B 62 -9.13 -16.44 -23.91
N PHE B 63 -8.14 -17.28 -23.66
CA PHE B 63 -6.75 -16.95 -23.95
C PHE B 63 -6.39 -17.28 -25.39
N TYR B 64 -5.23 -16.79 -25.83
CA TYR B 64 -4.67 -17.15 -27.12
C TYR B 64 -3.16 -16.99 -27.08
N LEU B 65 -2.47 -17.74 -27.95
CA LEU B 65 -1.02 -17.72 -28.02
C LEU B 65 -0.60 -17.91 -29.46
N LEU B 66 0.66 -17.58 -29.74
CA LEU B 66 1.25 -17.83 -31.05
C LEU B 66 2.64 -18.41 -30.86
N TYR B 67 2.88 -19.59 -31.43
CA TYR B 67 4.20 -20.22 -31.45
C TYR B 67 4.73 -20.16 -32.87
N TYR B 68 6.01 -19.82 -33.02
CA TYR B 68 6.57 -19.69 -34.36
C TYR B 68 8.02 -20.14 -34.38
N THR B 69 8.46 -20.59 -35.56
CA THR B 69 9.82 -21.02 -35.78
C THR B 69 10.17 -20.80 -37.25
N GLU B 70 11.46 -20.71 -37.52
CA GLU B 70 11.94 -20.52 -38.89
C GLU B 70 12.19 -21.86 -39.56
N PHE B 71 11.80 -21.97 -40.84
CA PHE B 71 11.98 -23.23 -41.55
C PHE B 71 12.18 -22.90 -43.02
N THR B 72 12.53 -23.94 -43.79
CA THR B 72 12.69 -23.80 -45.23
C THR B 72 11.82 -24.89 -45.87
N PRO B 73 10.80 -24.54 -46.63
CA PRO B 73 9.92 -25.56 -47.21
C PRO B 73 10.66 -26.45 -48.18
N THR B 74 10.24 -27.70 -48.23
CA THR B 74 10.87 -28.71 -49.08
C THR B 74 9.78 -29.65 -49.55
N GLU B 75 9.90 -30.14 -50.78
CA GLU B 75 8.92 -31.07 -51.33
C GLU B 75 8.85 -32.40 -50.57
N LYS B 76 9.86 -32.74 -49.76
CA LYS B 76 9.85 -34.01 -49.05
C LYS B 76 9.50 -33.90 -47.56
N ASP B 77 9.62 -32.73 -46.96
CA ASP B 77 9.40 -32.58 -45.53
C ASP B 77 7.95 -32.33 -45.19
N GLU B 78 7.56 -32.76 -43.98
CA GLU B 78 6.20 -32.60 -43.48
C GLU B 78 6.26 -31.96 -42.10
N TYR B 79 5.39 -30.97 -41.89
CA TYR B 79 5.35 -30.21 -40.64
C TYR B 79 3.99 -30.33 -40.00
N ALA B 80 3.92 -30.10 -38.69
CA ALA B 80 2.68 -30.26 -37.95
C ALA B 80 2.77 -29.50 -36.64
N CYS B 81 1.75 -29.67 -35.79
CA CYS B 81 1.69 -29.01 -34.49
C CYS B 81 0.95 -29.91 -33.53
N ARG B 82 1.56 -30.21 -32.39
CA ARG B 82 0.98 -31.09 -31.38
C ARG B 82 0.57 -30.27 -30.16
N VAL B 83 -0.70 -30.37 -29.77
CA VAL B 83 -1.27 -29.57 -28.70
C VAL B 83 -1.88 -30.50 -27.65
N ASN B 84 -1.70 -30.15 -26.38
CA ASN B 84 -2.31 -30.88 -25.27
C ASN B 84 -2.90 -29.89 -24.29
N HIS B 85 -4.11 -30.16 -23.83
CA HIS B 85 -4.83 -29.30 -22.90
C HIS B 85 -5.56 -30.18 -21.90
N VAL B 86 -6.06 -29.55 -20.83
CA VAL B 86 -6.77 -30.31 -19.80
C VAL B 86 -8.11 -30.82 -20.30
N THR B 87 -8.70 -30.17 -21.30
CA THR B 87 -9.98 -30.58 -21.84
C THR B 87 -9.87 -31.62 -22.94
N LEU B 88 -8.65 -31.95 -23.35
CA LEU B 88 -8.43 -32.96 -24.39
C LEU B 88 -8.05 -34.28 -23.74
N SER B 89 -8.78 -35.34 -24.09
CA SER B 89 -8.45 -36.67 -23.59
C SER B 89 -7.18 -37.22 -24.20
N GLN B 90 -6.74 -36.69 -25.33
CA GLN B 90 -5.52 -37.11 -25.99
C GLN B 90 -5.00 -35.96 -26.83
N PRO B 91 -3.71 -35.92 -27.13
CA PRO B 91 -3.16 -34.81 -27.91
C PRO B 91 -3.82 -34.68 -29.28
N LYS B 92 -3.72 -33.48 -29.84
CA LYS B 92 -4.31 -33.14 -31.12
C LYS B 92 -3.19 -32.79 -32.09
N ILE B 93 -3.12 -33.52 -33.21
CA ILE B 93 -2.06 -33.34 -34.19
C ILE B 93 -2.68 -32.71 -35.43
N VAL B 94 -2.16 -31.57 -35.87
CA VAL B 94 -2.68 -30.85 -37.02
C VAL B 94 -1.55 -30.71 -38.02
N LYS B 95 -1.74 -31.26 -39.22
CA LYS B 95 -0.70 -31.19 -40.22
C LYS B 95 -0.76 -29.87 -40.98
N TRP B 96 0.37 -29.47 -41.54
CA TRP B 96 0.47 -28.24 -42.31
C TRP B 96 0.11 -28.53 -43.76
N ASP B 97 -1.03 -27.98 -44.20
CA ASP B 97 -1.45 -28.05 -45.59
C ASP B 97 -1.24 -26.66 -46.20
N ARG B 98 -0.37 -26.58 -47.19
CA ARG B 98 0.01 -25.27 -47.71
C ARG B 98 -1.07 -24.62 -48.57
N ASP B 99 -2.22 -25.28 -48.74
CA ASP B 99 -3.36 -24.69 -49.41
C ASP B 99 -4.44 -24.22 -48.45
N MET B 100 -4.13 -24.19 -47.15
CA MET B 100 -5.08 -23.74 -46.15
C MET B 100 -4.41 -22.82 -45.14
N LYS C 1 -0.23 5.10 -19.87
CA LYS C 1 0.34 4.71 -18.59
C LYS C 1 -0.62 3.87 -17.78
N VAL C 2 -0.07 3.04 -16.90
CA VAL C 2 -0.84 2.11 -16.08
C VAL C 2 -1.32 2.83 -14.83
N LEU C 3 -2.28 2.26 -14.10
CA LEU C 3 -2.81 2.89 -12.90
C LEU C 3 -1.79 2.86 -11.76
N GLU C 4 -2.01 3.75 -10.81
CA GLU C 4 -1.14 3.83 -9.64
C GLU C 4 -1.41 2.67 -8.69
N HIS C 5 -2.67 2.33 -8.50
CA HIS C 5 -3.05 1.21 -7.65
C HIS C 5 -4.46 0.79 -8.01
N VAL C 6 -4.81 -0.42 -7.62
CA VAL C 6 -6.15 -0.97 -7.82
C VAL C 6 -6.70 -1.38 -6.46
N VAL C 7 -8.02 -1.38 -6.33
CA VAL C 7 -8.70 -1.65 -5.07
C VAL C 7 -9.09 -3.12 -5.02
N ARG C 8 -8.86 -3.75 -3.87
CA ARG C 8 -9.14 -5.16 -3.71
C ARG C 8 -10.64 -5.40 -3.59
N VAL C 9 -11.08 -6.59 -4.04
CA VAL C 9 -12.48 -6.96 -3.97
C VAL C 9 -12.88 -7.23 -2.51
N GLN D 1 11.75 7.84 -4.88
CA GLN D 1 11.31 7.39 -3.57
C GLN D 1 10.14 8.25 -3.07
N VAL D 2 9.10 7.58 -2.59
CA VAL D 2 7.90 8.27 -2.13
C VAL D 2 8.12 8.78 -0.71
N GLN D 3 7.56 9.94 -0.40
CA GLN D 3 7.70 10.51 0.92
C GLN D 3 6.75 11.69 1.05
N LEU D 4 6.52 12.10 2.29
CA LEU D 4 5.72 13.26 2.63
C LEU D 4 6.48 14.11 3.62
N VAL D 5 6.23 15.42 3.61
CA VAL D 5 6.94 16.37 4.46
C VAL D 5 5.93 17.38 5.00
N GLU D 6 5.79 17.43 6.33
CA GLU D 6 4.92 18.39 6.97
C GLU D 6 5.66 19.67 7.32
N SER D 7 4.91 20.74 7.51
CA SER D 7 5.45 22.02 7.92
C SER D 7 4.30 22.93 8.34
N GLY D 8 4.59 23.86 9.22
CA GLY D 8 3.62 24.86 9.64
C GLY D 8 3.26 24.82 11.11
N GLY D 9 3.62 23.77 11.84
CA GLY D 9 3.24 23.68 13.24
C GLY D 9 4.15 24.54 14.12
N GLY D 10 3.54 25.21 15.08
CA GLY D 10 4.27 26.08 15.98
C GLY D 10 3.51 26.30 17.26
N LEU D 11 3.76 27.45 17.88
CA LEU D 11 3.12 27.81 19.13
C LEU D 11 2.05 28.87 18.87
N VAL D 12 0.83 28.60 19.35
CA VAL D 12 -0.31 29.48 19.12
C VAL D 12 -1.09 29.59 20.42
N LYS D 13 -1.97 30.58 20.48
CA LYS D 13 -2.81 30.88 21.63
C LYS D 13 -4.23 30.40 21.40
N PRO D 14 -4.99 30.12 22.46
CA PRO D 14 -6.36 29.65 22.29
C PRO D 14 -7.20 30.66 21.53
N GLY D 15 -7.97 30.15 20.57
CA GLY D 15 -8.72 30.99 19.66
C GLY D 15 -7.96 31.43 18.43
N GLY D 16 -6.67 31.12 18.33
CA GLY D 16 -5.87 31.50 17.19
C GLY D 16 -6.12 30.59 15.99
N SER D 17 -5.21 30.67 15.03
CA SER D 17 -5.34 29.88 13.81
C SER D 17 -3.96 29.43 13.32
N LEU D 18 -3.97 28.35 12.56
CA LEU D 18 -2.76 27.76 11.97
C LEU D 18 -3.12 27.09 10.67
N ARG D 19 -2.10 26.92 9.82
CA ARG D 19 -2.26 26.26 8.54
C ARG D 19 -1.09 25.32 8.35
N LEU D 20 -1.38 24.03 8.26
CA LEU D 20 -0.37 23.01 8.04
C LEU D 20 -0.28 22.66 6.56
N SER D 21 0.84 22.04 6.19
CA SER D 21 1.05 21.63 4.81
C SER D 21 1.69 20.26 4.79
N CYS D 22 1.58 19.58 3.65
CA CYS D 22 2.17 18.26 3.48
C CYS D 22 2.51 18.12 2.00
N ALA D 23 3.78 18.26 1.67
CA ALA D 23 4.24 18.23 0.28
C ALA D 23 4.66 16.81 -0.08
N ALA D 24 4.12 16.31 -1.19
CA ALA D 24 4.39 14.96 -1.65
C ALA D 24 5.34 14.97 -2.82
N SER D 25 6.01 13.84 -3.02
CA SER D 25 6.95 13.69 -4.13
C SER D 25 7.20 12.21 -4.36
N GLY D 26 7.43 11.85 -5.62
CA GLY D 26 7.76 10.49 -5.97
C GLY D 26 6.61 9.64 -6.46
N PHE D 27 5.40 10.19 -6.56
CA PHE D 27 4.25 9.44 -7.00
C PHE D 27 3.20 10.42 -7.51
N THR D 28 2.16 9.88 -8.15
CA THR D 28 1.06 10.69 -8.64
C THR D 28 0.13 11.02 -7.49
N PHE D 29 0.10 12.30 -7.11
CA PHE D 29 -0.61 12.71 -5.91
C PHE D 29 -2.13 12.65 -6.08
N SER D 30 -2.61 12.76 -7.31
CA SER D 30 -4.04 12.91 -7.55
C SER D 30 -4.80 11.60 -7.65
N GLU D 31 -4.18 10.48 -7.28
CA GLU D 31 -4.84 9.19 -7.35
C GLU D 31 -5.00 8.51 -6.00
N TYR D 32 -4.59 9.16 -4.91
CA TYR D 32 -4.69 8.60 -3.57
C TYR D 32 -5.48 9.55 -2.69
N TYR D 33 -6.16 8.99 -1.69
CA TYR D 33 -6.77 9.83 -0.67
C TYR D 33 -5.80 10.04 0.47
N MET D 34 -5.95 11.16 1.17
CA MET D 34 -5.04 11.54 2.22
C MET D 34 -5.81 11.77 3.51
N THR D 35 -5.11 11.63 4.64
CA THR D 35 -5.72 11.78 5.95
C THR D 35 -4.82 12.64 6.83
N TRP D 36 -5.37 13.07 7.96
CA TRP D 36 -4.61 13.73 9.00
C TRP D 36 -4.82 12.97 10.29
N ILE D 37 -3.74 12.45 10.87
CA ILE D 37 -3.78 11.72 12.13
C ILE D 37 -3.00 12.50 13.16
N ARG D 38 -3.48 12.52 14.39
CA ARG D 38 -2.80 13.23 15.47
C ARG D 38 -2.59 12.30 16.66
N GLN D 39 -1.65 12.68 17.51
CA GLN D 39 -1.31 11.90 18.70
C GLN D 39 -0.99 12.85 19.83
N ALA D 40 -1.84 12.86 20.86
CA ALA D 40 -1.61 13.71 22.01
C ALA D 40 -0.36 13.26 22.76
N PRO D 41 0.23 14.15 23.57
CA PRO D 41 1.43 13.76 24.32
C PRO D 41 1.13 12.60 25.28
N GLY D 42 1.76 11.47 25.01
CA GLY D 42 1.56 10.30 25.85
C GLY D 42 0.20 9.65 25.71
N GLN D 43 -0.32 9.57 24.47
CA GLN D 43 -1.62 8.99 24.20
C GLN D 43 -1.53 8.17 22.93
N GLY D 44 -2.68 7.78 22.39
CA GLY D 44 -2.74 6.96 21.21
C GLY D 44 -3.15 7.75 19.97
N LEU D 45 -3.05 7.06 18.82
CA LEU D 45 -3.36 7.68 17.54
C LEU D 45 -4.85 7.97 17.44
N GLU D 46 -5.18 9.09 16.79
CA GLU D 46 -6.56 9.53 16.65
C GLU D 46 -6.74 10.16 15.27
N TRP D 47 -7.77 9.75 14.55
CA TRP D 47 -8.05 10.26 13.22
C TRP D 47 -8.72 11.62 13.31
N VAL D 48 -8.39 12.51 12.37
CA VAL D 48 -8.84 13.89 12.39
C VAL D 48 -9.67 14.23 11.16
N SER D 49 -9.15 13.98 9.96
CA SER D 49 -9.82 14.41 8.74
C SER D 49 -9.53 13.42 7.62
N TYR D 50 -10.13 13.68 6.45
CA TYR D 50 -10.06 12.79 5.30
C TYR D 50 -10.51 13.56 4.07
N ILE D 51 -9.86 13.32 2.94
CA ILE D 51 -10.26 13.91 1.67
C ILE D 51 -9.94 12.93 0.55
N SER D 52 -10.85 12.83 -0.42
CA SER D 52 -10.75 11.81 -1.45
C SER D 52 -9.72 12.22 -2.50
N SER D 53 -9.63 11.46 -3.59
CA SER D 53 -8.57 11.68 -4.56
C SER D 53 -8.80 12.96 -5.34
N SER D 54 -10.01 13.16 -5.86
CA SER D 54 -10.33 14.39 -6.57
C SER D 54 -10.87 15.48 -5.66
N GLY D 55 -11.13 15.18 -4.40
CA GLY D 55 -11.56 16.19 -3.46
C GLY D 55 -13.04 16.45 -3.41
N PHE D 56 -13.87 15.45 -3.73
CA PHE D 56 -15.32 15.63 -3.69
C PHE D 56 -15.95 15.14 -2.40
N ASN D 57 -15.27 14.27 -1.67
CA ASN D 57 -15.80 13.69 -0.43
C ASN D 57 -14.87 14.02 0.72
N ILE D 58 -15.38 14.78 1.69
CA ILE D 58 -14.59 15.25 2.82
C ILE D 58 -15.32 14.86 4.10
N TYR D 59 -14.58 14.30 5.05
CA TYR D 59 -15.14 13.90 6.33
C TYR D 59 -14.27 14.45 7.45
N TYR D 60 -14.90 14.73 8.59
CA TYR D 60 -14.20 15.25 9.76
C TYR D 60 -14.59 14.43 10.98
N ALA D 61 -13.80 14.57 12.03
CA ALA D 61 -14.11 13.93 13.30
C ALA D 61 -15.10 14.79 14.09
N ASP D 62 -15.80 14.16 15.02
CA ASP D 62 -16.82 14.87 15.78
C ASP D 62 -16.22 15.97 16.65
N SER D 63 -14.98 15.81 17.08
CA SER D 63 -14.36 16.79 17.97
C SER D 63 -13.85 18.01 17.24
N VAL D 64 -13.67 17.93 15.92
CA VAL D 64 -13.10 19.03 15.14
C VAL D 64 -14.04 19.52 14.07
N LYS D 65 -15.31 19.13 14.11
CA LYS D 65 -16.25 19.52 13.08
C LYS D 65 -16.63 20.99 13.24
N GLY D 66 -16.56 21.75 12.16
CA GLY D 66 -16.88 23.16 12.19
C GLY D 66 -15.71 24.08 12.47
N ARG D 67 -14.56 23.53 12.84
CA ARG D 67 -13.39 24.34 13.14
C ARG D 67 -12.21 24.08 12.21
N PHE D 68 -12.06 22.86 11.70
CA PHE D 68 -10.98 22.54 10.78
C PHE D 68 -11.52 22.52 9.35
N THR D 69 -10.60 22.60 8.39
CA THR D 69 -10.95 22.57 6.98
C THR D 69 -9.79 22.00 6.20
N ILE D 70 -10.02 20.90 5.48
CA ILE D 70 -8.98 20.23 4.72
C ILE D 70 -9.21 20.51 3.23
N SER D 71 -8.12 20.53 2.48
CA SER D 71 -8.18 20.77 1.05
C SER D 71 -6.90 20.25 0.42
N ARG D 72 -6.89 20.17 -0.91
CA ARG D 72 -5.72 19.69 -1.62
C ARG D 72 -5.59 20.43 -2.94
N ASP D 73 -4.37 20.43 -3.47
CA ASP D 73 -4.07 21.04 -4.76
C ASP D 73 -3.31 20.00 -5.56
N ASN D 74 -4.01 19.32 -6.47
CA ASN D 74 -3.41 18.24 -7.24
C ASN D 74 -2.35 18.71 -8.22
N ALA D 75 -2.40 19.98 -8.65
CA ALA D 75 -1.43 20.45 -9.63
C ALA D 75 -0.05 20.67 -9.02
N LYS D 76 0.03 20.98 -7.73
CA LYS D 76 1.30 21.26 -7.07
C LYS D 76 1.68 20.22 -6.02
N ASN D 77 0.89 19.16 -5.86
CA ASN D 77 1.17 18.08 -4.90
C ASN D 77 1.29 18.63 -3.48
N SER D 78 0.18 19.18 -2.99
CA SER D 78 0.18 19.79 -1.67
C SER D 78 -1.14 19.50 -0.97
N LEU D 79 -1.07 19.31 0.35
CA LEU D 79 -2.23 19.04 1.20
C LEU D 79 -2.21 20.02 2.37
N PHE D 80 -3.37 20.60 2.67
CA PHE D 80 -3.46 21.64 3.69
C PHE D 80 -4.50 21.29 4.74
N LEU D 81 -4.37 21.92 5.90
CA LEU D 81 -5.32 21.79 7.00
C LEU D 81 -5.41 23.14 7.70
N GLN D 82 -6.54 23.81 7.56
CA GLN D 82 -6.76 25.10 8.18
C GLN D 82 -7.44 24.91 9.53
N MET D 83 -6.75 25.27 10.60
CA MET D 83 -7.25 25.09 11.96
C MET D 83 -7.67 26.43 12.53
N ASN D 84 -8.95 26.56 12.84
CA ASN D 84 -9.51 27.79 13.40
C ASN D 84 -10.15 27.51 14.75
N SER D 85 -10.15 28.52 15.61
CA SER D 85 -10.73 28.43 16.95
C SER D 85 -10.14 27.25 17.72
N LEU D 86 -8.83 27.32 17.91
CA LEU D 86 -8.10 26.23 18.55
C LEU D 86 -8.33 26.22 20.05
N ARG D 87 -8.34 25.03 20.62
CA ARG D 87 -8.50 24.80 22.05
C ARG D 87 -7.23 24.20 22.61
N VAL D 88 -7.19 24.07 23.94
CA VAL D 88 -6.02 23.51 24.59
C VAL D 88 -5.90 22.02 24.32
N GLU D 89 -7.03 21.33 24.13
CA GLU D 89 -7.02 19.90 23.86
C GLU D 89 -6.59 19.56 22.43
N ASP D 90 -6.24 20.55 21.63
CA ASP D 90 -5.76 20.31 20.28
C ASP D 90 -4.25 20.21 20.19
N THR D 91 -3.55 20.18 21.32
CA THR D 91 -2.10 19.99 21.32
C THR D 91 -1.79 18.54 21.01
N ALA D 92 -1.00 18.31 19.97
CA ALA D 92 -0.66 16.96 19.54
C ALA D 92 0.44 17.06 18.49
N VAL D 93 0.82 15.90 17.96
CA VAL D 93 1.70 15.80 16.80
C VAL D 93 0.87 15.30 15.62
N TYR D 94 0.95 16.01 14.50
CA TYR D 94 0.08 15.76 13.37
C TYR D 94 0.84 15.09 12.23
N TYR D 95 0.27 14.03 11.68
CA TYR D 95 0.85 13.30 10.55
C TYR D 95 -0.12 13.33 9.37
N CYS D 96 0.40 13.44 8.16
CA CYS D 96 -0.37 13.18 6.95
C CYS D 96 -0.05 11.78 6.47
N ALA D 97 -1.08 10.99 6.18
CA ALA D 97 -0.93 9.60 5.80
C ALA D 97 -1.57 9.36 4.45
N ARG D 98 -0.83 8.74 3.54
CA ARG D 98 -1.33 8.36 2.23
C ARG D 98 -1.86 6.94 2.26
N GLU D 99 -2.89 6.68 1.46
CA GLU D 99 -3.49 5.35 1.45
C GLU D 99 -2.52 4.31 0.88
N GLY D 100 -2.76 3.06 1.24
CA GLY D 100 -1.90 2.00 0.79
C GLY D 100 -2.26 1.50 -0.59
N VAL D 101 -1.34 0.74 -1.19
CA VAL D 101 -1.58 0.21 -2.52
C VAL D 101 -2.56 -0.95 -2.50
N THR D 102 -2.70 -1.64 -1.36
CA THR D 102 -3.71 -2.68 -1.21
C THR D 102 -4.66 -2.41 -0.06
N ASP D 103 -4.13 -2.09 1.12
CA ASP D 103 -4.95 -1.83 2.29
C ASP D 103 -4.12 -1.08 3.31
N GLY D 104 -4.79 -0.28 4.12
CA GLY D 104 -4.11 0.47 5.16
C GLY D 104 -3.61 1.80 4.67
N MET D 105 -2.63 2.32 5.40
CA MET D 105 -1.93 3.55 5.05
C MET D 105 -0.45 3.31 5.25
N ASP D 106 0.30 3.20 4.15
CA ASP D 106 1.67 2.74 4.22
C ASP D 106 2.72 3.84 4.05
N VAL D 107 2.32 5.06 3.72
CA VAL D 107 3.25 6.19 3.64
C VAL D 107 2.81 7.23 4.65
N TRP D 108 3.69 7.54 5.60
CA TRP D 108 3.43 8.51 6.65
C TRP D 108 4.43 9.65 6.55
N GLY D 109 4.05 10.79 7.11
CA GLY D 109 4.96 11.91 7.23
C GLY D 109 5.83 11.76 8.46
N GLN D 110 6.63 12.81 8.70
CA GLN D 110 7.49 12.80 9.87
C GLN D 110 6.84 13.46 11.09
N GLY D 111 5.83 14.28 10.88
CA GLY D 111 5.10 14.88 11.98
C GLY D 111 5.53 16.30 12.32
N THR D 112 4.55 17.16 12.59
CA THR D 112 4.80 18.52 13.04
C THR D 112 4.05 18.76 14.33
N THR D 113 4.66 19.52 15.23
CA THR D 113 4.14 19.71 16.59
C THR D 113 3.34 21.00 16.67
N VAL D 114 2.18 20.92 17.30
CA VAL D 114 1.29 22.06 17.50
C VAL D 114 1.05 22.22 18.99
N THR D 115 1.33 23.41 19.51
CA THR D 115 1.18 23.70 20.93
C THR D 115 0.20 24.84 21.10
N VAL D 116 -0.85 24.62 21.89
CA VAL D 116 -1.85 25.63 22.17
C VAL D 116 -1.78 25.95 23.66
N SER D 117 -1.42 27.18 23.99
CA SER D 117 -1.29 27.58 25.38
C SER D 117 -1.47 29.09 25.47
N SER D 118 -1.66 29.57 26.70
CA SER D 118 -1.84 30.99 26.97
C SER D 118 -0.76 31.52 27.91
N ALA D 119 0.44 30.97 27.83
CA ALA D 119 1.56 31.39 28.64
C ALA D 119 2.63 32.02 27.75
N SER D 120 3.42 32.91 28.34
CA SER D 120 4.47 33.62 27.62
C SER D 120 5.84 33.02 27.94
N THR D 121 6.78 33.29 27.05
CA THR D 121 8.13 32.75 27.21
C THR D 121 8.73 33.18 28.54
N LYS D 122 9.19 32.19 29.32
CA LYS D 122 9.72 32.42 30.66
C LYS D 122 10.98 31.60 30.85
N GLY D 123 11.95 32.16 31.58
CA GLY D 123 13.17 31.46 31.89
C GLY D 123 13.00 30.58 33.11
N PRO D 124 13.81 29.53 33.20
CA PRO D 124 13.67 28.60 34.32
C PRO D 124 14.35 29.10 35.58
N SER D 125 13.88 28.58 36.71
CA SER D 125 14.50 28.80 38.01
C SER D 125 15.06 27.47 38.50
N VAL D 126 16.29 27.50 38.97
CA VAL D 126 17.00 26.29 39.39
C VAL D 126 17.17 26.31 40.90
N PHE D 127 16.75 25.25 41.56
CA PHE D 127 16.90 25.10 43.00
C PHE D 127 17.67 23.82 43.32
N PRO D 128 18.46 23.83 44.39
CA PRO D 128 19.24 22.65 44.73
C PRO D 128 18.42 21.64 45.50
N LEU D 129 18.79 20.37 45.34
CA LEU D 129 18.15 19.26 46.05
C LEU D 129 19.25 18.48 46.77
N ALA D 130 19.43 18.75 48.06
CA ALA D 130 20.42 18.08 48.87
C ALA D 130 19.80 17.66 50.19
N PRO D 131 20.09 16.45 50.69
CA PRO D 131 19.46 15.95 51.91
C PRO D 131 19.94 16.69 53.16
N ALA D 141 24.98 7.92 48.38
CA ALA D 141 23.97 8.96 48.46
C ALA D 141 23.59 9.47 47.07
N ALA D 142 22.78 10.52 47.03
CA ALA D 142 22.34 11.08 45.76
C ALA D 142 21.92 12.53 45.98
N LEU D 143 21.98 13.32 44.92
CA LEU D 143 21.59 14.71 44.97
C LEU D 143 21.27 15.18 43.55
N GLY D 144 20.65 16.34 43.46
CA GLY D 144 20.28 16.88 42.17
C GLY D 144 19.83 18.32 42.27
N CYS D 145 19.32 18.83 41.15
CA CYS D 145 18.82 20.20 41.09
C CYS D 145 17.49 20.22 40.35
N LEU D 146 16.58 21.07 40.84
CA LEU D 146 15.20 21.12 40.36
C LEU D 146 15.01 22.32 39.42
N VAL D 147 14.58 22.04 38.19
CA VAL D 147 14.29 23.07 37.19
C VAL D 147 12.80 23.33 37.21
N LYS D 148 12.41 24.57 37.51
CA LYS D 148 11.01 24.87 37.76
C LYS D 148 10.58 26.10 36.98
N ASP D 149 9.32 26.08 36.53
CA ASP D 149 8.62 27.26 36.01
C ASP D 149 9.35 27.85 34.80
N TYR D 150 9.38 27.07 33.71
CA TYR D 150 9.88 27.56 32.44
C TYR D 150 8.86 27.31 31.35
N PHE D 151 9.03 28.01 30.24
CA PHE D 151 8.17 27.86 29.07
C PHE D 151 8.82 28.52 27.86
N PRO D 152 8.80 27.88 26.69
CA PRO D 152 8.22 26.55 26.52
C PRO D 152 9.26 25.45 26.61
N GLU D 153 8.85 24.23 26.28
CA GLU D 153 9.75 23.10 26.27
C GLU D 153 10.73 23.25 25.10
N PRO D 154 11.93 22.65 25.18
CA PRO D 154 12.59 21.92 26.27
C PRO D 154 13.76 22.66 26.88
N VAL D 155 14.35 22.04 27.90
CA VAL D 155 15.62 22.47 28.48
C VAL D 155 16.57 21.29 28.45
N THR D 156 17.86 21.59 28.47
CA THR D 156 18.90 20.57 28.48
C THR D 156 19.73 20.74 29.75
N VAL D 157 19.86 19.66 30.51
CA VAL D 157 20.54 19.68 31.80
C VAL D 157 21.74 18.77 31.74
N SER D 158 22.92 19.31 32.08
CA SER D 158 24.15 18.55 32.12
C SER D 158 24.87 18.87 33.42
N TRP D 159 25.72 17.94 33.85
CA TRP D 159 26.42 18.05 35.12
C TRP D 159 27.92 18.19 34.86
N ASN D 160 28.53 19.19 35.51
CA ASN D 160 29.96 19.44 35.39
C ASN D 160 30.38 19.63 33.93
N SER D 161 29.56 20.35 33.18
CA SER D 161 29.83 20.67 31.77
C SER D 161 30.03 19.43 30.93
N GLY D 162 29.41 18.31 31.31
CA GLY D 162 29.49 17.09 30.56
C GLY D 162 30.51 16.09 31.05
N ALA D 163 31.10 16.29 32.24
CA ALA D 163 32.08 15.38 32.76
C ALA D 163 31.48 14.22 33.55
N LEU D 164 30.27 14.40 34.08
CA LEU D 164 29.60 13.38 34.91
C LEU D 164 28.40 12.86 34.14
N THR D 165 28.56 11.69 33.52
CA THR D 165 27.54 11.14 32.65
C THR D 165 26.95 9.82 33.16
N SER D 166 27.64 9.11 34.04
CA SER D 166 27.13 7.85 34.58
C SER D 166 26.32 8.12 35.83
N GLY D 167 25.08 7.67 35.84
CA GLY D 167 24.22 7.81 37.00
C GLY D 167 23.32 9.03 37.01
N VAL D 168 23.23 9.76 35.92
CA VAL D 168 22.37 10.94 35.85
C VAL D 168 21.01 10.55 35.29
N HIS D 169 19.95 11.00 35.96
CA HIS D 169 18.57 10.72 35.55
C HIS D 169 17.84 12.03 35.39
N THR D 170 17.43 12.35 34.15
CA THR D 170 16.65 13.54 33.86
C THR D 170 15.22 13.12 33.56
N PHE D 171 14.29 13.51 34.41
CA PHE D 171 12.93 13.04 34.27
C PHE D 171 12.18 13.86 33.22
N PRO D 172 11.20 13.24 32.56
CA PRO D 172 10.38 14.00 31.60
C PRO D 172 9.66 15.16 32.26
N ALA D 173 9.52 16.25 31.52
CA ALA D 173 8.87 17.44 32.04
C ALA D 173 7.36 17.24 32.12
N VAL D 174 6.76 17.70 33.22
CA VAL D 174 5.32 17.66 33.41
C VAL D 174 4.77 19.07 33.34
N LEU D 175 3.53 19.18 32.91
CA LEU D 175 2.85 20.46 32.79
C LEU D 175 2.13 20.76 34.09
N GLN D 176 2.49 21.87 34.73
CA GLN D 176 1.85 22.24 35.98
C GLN D 176 0.44 22.77 35.73
N SER D 177 -0.27 23.06 36.82
CA SER D 177 -1.61 23.61 36.69
C SER D 177 -1.61 25.02 36.13
N SER D 178 -0.51 25.75 36.32
CA SER D 178 -0.41 27.13 35.86
C SER D 178 0.03 27.23 34.40
N GLY D 179 0.14 26.12 33.70
CA GLY D 179 0.53 26.12 32.30
C GLY D 179 2.02 26.10 32.06
N LEU D 180 2.84 26.10 33.09
CA LEU D 180 4.29 26.07 32.95
C LEU D 180 4.82 24.66 33.19
N TYR D 181 6.06 24.43 32.76
CA TYR D 181 6.70 23.14 32.88
C TYR D 181 7.68 23.15 34.06
N SER D 182 8.12 21.95 34.43
CA SER D 182 9.11 21.76 35.48
C SER D 182 9.60 20.32 35.43
N LEU D 183 10.90 20.12 35.68
CA LEU D 183 11.46 18.79 35.72
C LEU D 183 12.58 18.76 36.75
N SER D 184 13.03 17.55 37.06
CA SER D 184 14.11 17.34 38.01
C SER D 184 15.21 16.51 37.36
N SER D 185 16.42 16.64 37.88
CA SER D 185 17.53 15.81 37.46
C SER D 185 18.36 15.45 38.68
N VAL D 186 18.59 14.15 38.89
CA VAL D 186 19.33 13.67 40.05
C VAL D 186 20.49 12.81 39.57
N VAL D 187 21.46 12.63 40.48
CA VAL D 187 22.62 11.79 40.22
C VAL D 187 22.97 11.06 41.51
N THR D 188 23.45 9.83 41.39
CA THR D 188 23.85 9.02 42.53
C THR D 188 25.37 8.98 42.59
N VAL D 189 25.96 9.37 43.72
CA VAL D 189 27.41 9.47 43.83
C VAL D 189 27.86 8.80 45.12
N PRO D 190 29.12 8.38 45.18
CA PRO D 190 29.65 7.81 46.44
C PRO D 190 29.84 8.89 47.50
N SER D 191 29.38 8.57 48.71
CA SER D 191 29.28 9.55 49.80
C SER D 191 30.62 10.20 50.13
N SER D 192 31.69 9.41 50.24
CA SER D 192 33.00 10.01 50.55
C SER D 192 33.46 10.95 49.45
N SER D 193 33.32 10.55 48.19
CA SER D 193 33.70 11.41 47.07
C SER D 193 32.89 12.69 47.05
N LEU D 194 31.61 12.60 47.45
CA LEU D 194 30.72 13.77 47.44
C LEU D 194 31.28 14.91 48.27
N GLY D 195 31.71 14.63 49.50
CA GLY D 195 32.21 15.70 50.35
C GLY D 195 33.40 16.42 49.73
N THR D 196 34.35 15.67 49.17
CA THR D 196 35.57 16.24 48.62
C THR D 196 35.32 17.17 47.44
N LYS D 197 34.83 16.62 46.33
CA LYS D 197 34.58 17.39 45.11
C LYS D 197 33.23 18.11 45.21
N THR D 198 32.94 18.96 44.21
CA THR D 198 31.67 19.66 44.18
C THR D 198 30.98 19.55 42.83
N TYR D 199 29.71 19.14 42.88
CA TYR D 199 28.86 18.86 41.72
C TYR D 199 28.07 20.11 41.32
N THR D 200 27.92 20.33 40.02
CA THR D 200 27.09 21.43 39.55
C THR D 200 26.37 21.03 38.28
N CYS D 201 25.15 21.58 38.11
CA CYS D 201 24.28 21.24 36.99
C CYS D 201 24.10 22.44 36.06
N ASN D 202 24.31 22.19 34.76
CA ASN D 202 24.23 23.23 33.73
C ASN D 202 22.90 23.13 33.00
N VAL D 203 22.10 24.20 33.08
CA VAL D 203 20.78 24.27 32.45
C VAL D 203 20.82 25.31 31.34
N ASP D 204 20.37 24.93 30.15
CA ASP D 204 20.36 25.82 28.99
C ASP D 204 18.98 25.85 28.38
N HIS D 205 18.35 27.02 28.37
CA HIS D 205 17.03 27.21 27.76
C HIS D 205 17.18 28.13 26.55
N LYS D 206 17.11 27.54 25.35
CA LYS D 206 17.31 28.34 24.14
C LYS D 206 16.20 29.35 23.90
N PRO D 207 14.91 28.99 23.92
CA PRO D 207 13.86 29.97 23.57
C PRO D 207 13.84 31.23 24.42
N SER D 208 14.53 31.25 25.56
CA SER D 208 14.59 32.45 26.38
C SER D 208 16.00 33.00 26.50
N ASN D 209 16.99 32.31 25.94
CA ASN D 209 18.40 32.73 26.01
C ASN D 209 18.82 32.91 27.47
N THR D 210 18.76 31.81 28.21
CA THR D 210 19.07 31.81 29.63
C THR D 210 20.03 30.67 29.93
N LYS D 211 20.98 30.93 30.82
CA LYS D 211 21.95 29.93 31.23
C LYS D 211 22.22 30.11 32.71
N VAL D 212 21.99 29.06 33.50
CA VAL D 212 22.19 29.09 34.94
C VAL D 212 23.10 27.94 35.33
N ASP D 213 24.12 28.23 36.14
CA ASP D 213 25.01 27.22 36.71
C ASP D 213 24.85 27.27 38.22
N LYS D 214 24.50 26.14 38.83
CA LYS D 214 24.14 26.09 40.23
C LYS D 214 25.07 25.15 40.98
N ARG D 215 25.54 25.60 42.14
CA ARG D 215 26.39 24.80 43.01
C ARG D 215 25.53 24.19 44.12
N VAL D 216 25.55 22.87 44.21
CA VAL D 216 24.73 22.18 45.21
C VAL D 216 25.45 22.12 46.54
N ASP E 1 -19.03 3.90 13.40
CA ASP E 1 -18.55 3.91 14.78
C ASP E 1 -18.32 2.49 15.30
N ILE E 2 -17.18 1.91 14.92
CA ILE E 2 -16.80 0.57 15.33
C ILE E 2 -15.66 0.71 16.33
N GLN E 3 -15.85 0.16 17.52
CA GLN E 3 -14.87 0.26 18.58
C GLN E 3 -13.91 -0.92 18.54
N MET E 4 -12.62 -0.64 18.54
CA MET E 4 -11.58 -1.65 18.56
C MET E 4 -11.01 -1.73 19.96
N THR E 5 -10.85 -2.95 20.48
CA THR E 5 -10.41 -3.16 21.85
C THR E 5 -9.23 -4.11 21.85
N GLN E 6 -8.05 -3.59 22.18
CA GLN E 6 -6.85 -4.41 22.29
C GLN E 6 -6.71 -4.98 23.70
N SER E 7 -5.96 -6.06 23.79
CA SER E 7 -5.65 -6.71 25.06
C SER E 7 -4.38 -7.53 24.91
N PRO E 8 -3.42 -7.39 25.83
CA PRO E 8 -3.49 -6.49 26.99
C PRO E 8 -2.98 -5.08 26.67
N SER E 9 -2.99 -4.22 27.69
CA SER E 9 -2.49 -2.86 27.54
C SER E 9 -0.98 -2.77 27.72
N SER E 10 -0.35 -3.80 28.28
CA SER E 10 1.09 -3.84 28.43
C SER E 10 1.50 -5.29 28.63
N LEU E 11 2.66 -5.65 28.11
CA LEU E 11 3.10 -7.04 28.17
C LEU E 11 4.61 -7.11 28.20
N SER E 12 5.15 -7.82 29.18
CA SER E 12 6.58 -7.97 29.35
C SER E 12 7.02 -9.34 28.85
N ALA E 13 8.12 -9.37 28.11
CA ALA E 13 8.63 -10.61 27.56
C ALA E 13 10.15 -10.51 27.46
N SER E 14 10.79 -11.65 27.28
CA SER E 14 12.23 -11.74 27.17
C SER E 14 12.63 -12.10 25.75
N VAL E 15 13.89 -11.85 25.42
CA VAL E 15 14.38 -12.08 24.06
C VAL E 15 14.31 -13.57 23.75
N GLY E 16 13.55 -13.93 22.73
CA GLY E 16 13.40 -15.30 22.31
C GLY E 16 12.09 -15.96 22.66
N ASP E 17 11.12 -15.21 23.19
CA ASP E 17 9.85 -15.79 23.60
C ASP E 17 8.83 -15.70 22.45
N ARG E 18 7.64 -16.22 22.70
CA ARG E 18 6.53 -16.14 21.77
C ARG E 18 5.48 -15.19 22.34
N VAL E 19 5.07 -14.22 21.53
CA VAL E 19 4.17 -13.16 21.97
C VAL E 19 2.88 -13.26 21.20
N THR E 20 1.80 -12.74 21.79
CA THR E 20 0.49 -12.78 21.16
C THR E 20 -0.35 -11.60 21.65
N ILE E 21 -0.84 -10.79 20.72
CA ILE E 21 -1.70 -9.65 21.00
C ILE E 21 -3.02 -9.86 20.28
N THR E 22 -4.11 -9.42 20.89
CA THR E 22 -5.44 -9.60 20.33
C THR E 22 -6.12 -8.25 20.13
N CYS E 23 -7.00 -8.19 19.14
CA CYS E 23 -7.77 -6.99 18.83
C CYS E 23 -9.20 -7.42 18.58
N ARG E 24 -10.14 -6.82 19.29
CA ARG E 24 -11.55 -7.21 19.26
C ARG E 24 -12.39 -6.06 18.70
N ALA E 25 -13.22 -6.37 17.72
CA ALA E 25 -14.07 -5.38 17.08
C ALA E 25 -15.49 -5.44 17.64
N SER E 26 -16.20 -4.32 17.50
CA SER E 26 -17.57 -4.27 18.03
C SER E 26 -18.56 -4.94 17.09
N GLN E 27 -18.31 -4.91 15.78
CA GLN E 27 -19.15 -5.61 14.82
C GLN E 27 -18.22 -6.33 13.84
N SER E 28 -18.82 -7.01 12.87
CA SER E 28 -18.07 -7.87 11.97
C SER E 28 -17.36 -7.08 10.88
N ILE E 29 -16.04 -7.06 10.92
CA ILE E 29 -15.19 -6.50 9.88
C ILE E 29 -14.53 -7.70 9.22
N SER E 30 -14.98 -8.04 8.01
CA SER E 30 -14.71 -9.37 7.48
C SER E 30 -13.23 -9.68 7.40
N SER E 31 -12.45 -8.80 6.79
CA SER E 31 -11.00 -8.98 6.78
C SER E 31 -10.29 -7.65 6.60
N TYR E 32 -10.75 -6.62 7.29
CA TYR E 32 -10.20 -5.29 7.08
C TYR E 32 -9.50 -4.88 8.38
N LEU E 33 -8.29 -5.37 8.57
CA LEU E 33 -7.53 -5.12 9.79
C LEU E 33 -6.07 -4.94 9.47
N ASN E 34 -5.47 -3.85 9.96
CA ASN E 34 -4.07 -3.59 9.74
C ASN E 34 -3.38 -3.37 11.09
N TRP E 35 -2.10 -3.73 11.14
CA TRP E 35 -1.31 -3.60 12.36
C TRP E 35 -0.15 -2.65 12.10
N TYR E 36 0.11 -1.78 13.08
CA TYR E 36 1.17 -0.79 12.98
C TYR E 36 2.16 -0.98 14.11
N GLN E 37 3.30 -0.31 13.99
CA GLN E 37 4.36 -0.38 14.99
C GLN E 37 5.00 0.99 15.12
N GLN E 38 5.13 1.49 16.34
CA GLN E 38 5.65 2.84 16.57
C GLN E 38 6.76 2.78 17.62
N LYS E 39 7.98 3.09 17.20
CA LYS E 39 9.08 3.27 18.13
C LYS E 39 8.97 4.62 18.81
N PRO E 40 9.44 4.74 20.04
CA PRO E 40 9.23 5.98 20.80
C PRO E 40 9.85 7.20 20.13
N GLY E 41 9.00 8.13 19.70
CA GLY E 41 9.46 9.35 19.09
C GLY E 41 9.53 9.37 17.58
N LYS E 42 8.80 8.49 16.90
CA LYS E 42 8.83 8.42 15.44
C LYS E 42 7.42 8.12 14.93
N ALA E 43 7.29 8.10 13.60
CA ALA E 43 6.01 7.85 12.96
C ALA E 43 5.70 6.35 12.95
N PRO E 44 4.42 5.98 12.89
CA PRO E 44 4.07 4.57 12.81
C PRO E 44 4.54 3.94 11.52
N LYS E 45 4.40 2.62 11.44
CA LYS E 45 4.90 1.85 10.32
C LYS E 45 4.01 0.64 10.12
N LEU E 46 3.54 0.44 8.89
CA LEU E 46 2.63 -0.67 8.61
C LEU E 46 3.39 -1.99 8.62
N LEU E 47 2.80 -2.99 9.28
CA LEU E 47 3.37 -4.32 9.33
C LEU E 47 2.51 -5.34 8.59
N ILE E 48 1.24 -5.44 8.94
CA ILE E 48 0.32 -6.42 8.40
C ILE E 48 -0.86 -5.69 7.81
N TYR E 49 -1.28 -6.09 6.60
CA TYR E 49 -2.47 -5.55 5.99
C TYR E 49 -3.34 -6.71 5.53
N ALA E 50 -4.63 -6.44 5.38
CA ALA E 50 -5.64 -7.44 5.07
C ALA E 50 -5.67 -8.56 6.10
N ALA E 51 -5.17 -8.27 7.30
CA ALA E 51 -5.24 -9.12 8.49
C ALA E 51 -4.33 -10.35 8.44
N SER E 52 -3.75 -10.65 7.29
CA SER E 52 -2.85 -11.79 7.22
C SER E 52 -1.66 -11.61 6.29
N SER E 53 -1.49 -10.46 5.64
CA SER E 53 -0.47 -10.29 4.63
C SER E 53 0.66 -9.44 5.18
N LEU E 54 1.89 -9.82 4.84
CA LEU E 54 3.06 -9.21 5.43
C LEU E 54 3.57 -8.09 4.53
N GLN E 55 3.81 -6.92 5.12
CA GLN E 55 4.33 -5.79 4.36
C GLN E 55 5.76 -6.06 3.88
N SER E 56 6.04 -5.61 2.66
CA SER E 56 7.35 -5.85 2.05
C SER E 56 8.47 -5.22 2.86
N GLY E 57 9.46 -6.03 3.22
CA GLY E 57 10.56 -5.57 4.03
C GLY E 57 10.42 -5.80 5.51
N VAL E 58 9.56 -6.73 5.92
CA VAL E 58 9.30 -7.02 7.32
C VAL E 58 9.73 -8.45 7.58
N PRO E 59 10.48 -8.74 8.65
CA PRO E 59 10.93 -10.11 8.89
C PRO E 59 9.76 -11.07 9.00
N SER E 60 9.99 -12.31 8.55
CA SER E 60 8.95 -13.32 8.50
C SER E 60 8.58 -13.89 9.86
N ARG E 61 9.14 -13.39 10.96
CA ARG E 61 8.75 -13.86 12.28
C ARG E 61 7.41 -13.29 12.72
N PHE E 62 7.00 -12.16 12.16
CA PHE E 62 5.67 -11.61 12.40
C PHE E 62 4.64 -12.38 11.59
N SER E 63 3.43 -12.50 12.16
CA SER E 63 2.35 -13.16 11.45
C SER E 63 1.03 -12.71 12.05
N GLY E 64 0.00 -12.71 11.23
CA GLY E 64 -1.33 -12.33 11.68
C GLY E 64 -2.36 -13.31 11.16
N SER E 65 -3.46 -13.43 11.89
CA SER E 65 -4.53 -14.33 11.52
C SER E 65 -5.84 -13.78 12.05
N GLY E 66 -6.92 -14.49 11.76
CA GLY E 66 -8.22 -14.13 12.29
C GLY E 66 -9.11 -13.49 11.25
N SER E 67 -10.41 -13.52 11.52
CA SER E 67 -11.41 -12.89 10.68
C SER E 67 -12.67 -12.71 11.49
N GLY E 68 -13.55 -11.85 10.99
CA GLY E 68 -14.81 -11.61 11.68
C GLY E 68 -14.69 -10.53 12.73
N THR E 69 -14.52 -10.93 14.00
CA THR E 69 -14.39 -9.98 15.08
C THR E 69 -13.21 -10.24 16.00
N ASP E 70 -12.50 -11.36 15.85
CA ASP E 70 -11.37 -11.70 16.71
C ASP E 70 -10.13 -11.89 15.86
N PHE E 71 -9.10 -11.09 16.13
CA PHE E 71 -7.86 -11.10 15.37
C PHE E 71 -6.67 -11.29 16.30
N THR E 72 -5.51 -11.55 15.71
CA THR E 72 -4.33 -11.87 16.49
C THR E 72 -3.07 -11.46 15.75
N LEU E 73 -2.08 -10.97 16.50
CA LEU E 73 -0.74 -10.72 16.00
C LEU E 73 0.25 -11.55 16.81
N THR E 74 1.12 -12.28 16.13
CA THR E 74 2.03 -13.21 16.77
C THR E 74 3.46 -12.93 16.35
N ILE E 75 4.39 -12.99 17.31
CA ILE E 75 5.82 -12.89 17.04
C ILE E 75 6.46 -14.18 17.53
N SER E 76 7.12 -14.89 16.62
CA SER E 76 7.62 -16.21 16.97
C SER E 76 8.89 -16.14 17.82
N SER E 77 9.78 -15.18 17.54
CA SER E 77 11.03 -15.06 18.28
C SER E 77 11.39 -13.59 18.42
N LEU E 78 11.24 -13.05 19.63
CA LEU E 78 11.53 -11.65 19.88
C LEU E 78 13.00 -11.34 19.64
N GLN E 79 13.24 -10.11 19.20
CA GLN E 79 14.56 -9.58 18.95
C GLN E 79 14.66 -8.27 19.71
N PRO E 80 15.88 -7.73 19.90
CA PRO E 80 15.99 -6.46 20.63
C PRO E 80 15.31 -5.30 19.95
N GLU E 81 15.02 -5.39 18.64
CA GLU E 81 14.41 -4.30 17.89
C GLU E 81 12.91 -4.47 17.73
N ASP E 82 12.28 -5.35 18.51
CA ASP E 82 10.86 -5.60 18.41
C ASP E 82 10.07 -5.04 19.59
N PHE E 83 10.71 -4.30 20.47
CA PHE E 83 10.04 -3.72 21.63
C PHE E 83 9.51 -2.34 21.25
N ALA E 84 8.20 -2.25 21.06
CA ALA E 84 7.55 -1.02 20.63
C ALA E 84 6.07 -1.10 20.97
N THR E 85 5.29 -0.16 20.46
CA THR E 85 3.84 -0.13 20.65
C THR E 85 3.14 -0.56 19.36
N TYR E 86 2.05 -1.30 19.49
CA TYR E 86 1.35 -1.87 18.35
C TYR E 86 -0.12 -1.46 18.39
N TYR E 87 -0.65 -1.04 17.24
CA TYR E 87 -2.03 -0.60 17.11
C TYR E 87 -2.73 -1.44 16.04
N CYS E 88 -4.04 -1.61 16.19
CA CYS E 88 -4.86 -2.21 15.16
C CYS E 88 -5.83 -1.17 14.62
N GLN E 89 -6.10 -1.24 13.33
CA GLN E 89 -6.96 -0.30 12.61
C GLN E 89 -7.91 -1.04 11.70
N GLN E 90 -9.15 -0.57 11.61
CA GLN E 90 -10.09 -1.17 10.68
C GLN E 90 -10.18 -0.35 9.40
N SER E 91 -10.38 -1.04 8.29
CA SER E 91 -10.60 -0.41 7.00
C SER E 91 -12.02 -0.64 6.49
N TYR E 92 -12.89 -1.20 7.33
CA TYR E 92 -14.24 -1.55 6.86
C TYR E 92 -15.14 -0.35 6.57
N SER E 93 -14.91 0.81 7.17
CA SER E 93 -15.77 1.91 6.75
C SER E 93 -15.02 3.23 6.59
N THR E 94 -15.68 4.32 6.97
CA THR E 94 -15.30 5.73 7.04
C THR E 94 -16.59 6.54 6.86
N PRO E 95 -16.74 7.66 7.55
CA PRO E 95 -16.16 8.08 8.81
C PRO E 95 -16.79 7.34 9.99
N PRO E 96 -16.05 7.16 11.08
CA PRO E 96 -14.63 7.44 11.28
C PRO E 96 -13.72 6.24 11.07
N ILE E 97 -12.42 6.50 11.04
CA ILE E 97 -11.40 5.47 11.07
C ILE E 97 -11.00 5.34 12.53
N THR E 98 -10.91 4.12 13.04
CA THR E 98 -10.60 3.97 14.46
C THR E 98 -9.46 3.01 14.69
N PHE E 99 -8.64 3.33 15.68
CA PHE E 99 -7.47 2.56 16.07
C PHE E 99 -7.71 1.91 17.43
N GLY E 100 -6.86 0.95 17.76
CA GLY E 100 -6.88 0.39 19.10
C GLY E 100 -6.21 1.34 20.07
N GLN E 101 -6.33 1.03 21.36
CA GLN E 101 -5.76 1.94 22.34
C GLN E 101 -4.26 1.76 22.51
N GLY E 102 -3.68 0.72 21.93
CA GLY E 102 -2.25 0.51 21.96
C GLY E 102 -1.85 -0.56 22.95
N THR E 103 -0.73 -1.23 22.65
CA THR E 103 -0.18 -2.26 23.53
C THR E 103 1.33 -2.10 23.56
N ARG E 104 1.87 -1.72 24.70
CA ARG E 104 3.30 -1.52 24.82
C ARG E 104 3.97 -2.83 25.21
N LEU E 105 5.11 -3.10 24.60
CA LEU E 105 5.87 -4.33 24.83
C LEU E 105 7.21 -3.95 25.45
N GLU E 106 7.51 -4.53 26.60
CA GLU E 106 8.71 -4.19 27.35
C GLU E 106 9.57 -5.43 27.61
N ILE E 107 10.74 -5.20 28.20
CA ILE E 107 11.72 -6.25 28.49
C ILE E 107 11.53 -6.71 29.93
N LYS E 108 11.64 -8.02 30.15
CA LYS E 108 11.46 -8.63 31.46
C LYS E 108 12.80 -8.95 32.10
N ARG E 109 12.87 -8.79 33.41
CA ARG E 109 14.05 -9.12 34.18
C ARG E 109 13.62 -9.54 35.58
N THR E 110 14.58 -9.63 36.50
CA THR E 110 14.28 -10.02 37.86
C THR E 110 13.85 -8.82 38.70
N VAL E 111 13.19 -9.10 39.81
CA VAL E 111 12.65 -8.05 40.66
C VAL E 111 13.78 -7.33 41.39
N ALA E 112 13.66 -6.01 41.51
CA ALA E 112 14.64 -5.19 42.22
C ALA E 112 13.92 -4.14 43.05
N ALA E 113 14.39 -3.96 44.28
CA ALA E 113 13.71 -3.02 45.18
C ALA E 113 14.24 -1.60 44.97
N PRO E 114 13.38 -0.59 45.10
CA PRO E 114 13.81 0.79 44.88
C PRO E 114 14.51 1.37 46.10
N SER E 115 15.41 2.31 45.82
CA SER E 115 16.05 3.11 46.87
C SER E 115 15.30 4.42 47.02
N VAL E 116 14.89 4.72 48.24
CA VAL E 116 14.01 5.86 48.51
C VAL E 116 14.83 6.98 49.14
N PHE E 117 14.77 8.17 48.55
CA PHE E 117 15.37 9.37 49.09
C PHE E 117 14.31 10.46 49.21
N ILE E 118 14.57 11.43 50.06
CA ILE E 118 13.71 12.60 50.22
C ILE E 118 14.57 13.84 50.38
N PHE E 119 14.16 14.93 49.73
CA PHE E 119 14.90 16.17 49.73
C PHE E 119 14.03 17.30 50.30
N PRO E 120 14.52 18.04 51.28
CA PRO E 120 13.72 19.12 51.85
C PRO E 120 13.80 20.35 50.98
N PRO E 121 12.77 21.21 51.02
CA PRO E 121 12.79 22.42 50.17
C PRO E 121 13.84 23.41 50.64
N SER E 122 14.68 23.85 49.71
CA SER E 122 15.75 24.78 50.03
C SER E 122 15.19 26.16 50.38
N ASP E 123 16.01 26.95 51.06
CA ASP E 123 15.58 28.29 51.46
C ASP E 123 15.43 29.23 50.27
N GLU E 124 16.18 28.97 49.19
CA GLU E 124 16.09 29.83 48.02
C GLU E 124 14.71 29.75 47.38
N GLN E 125 14.07 28.60 47.44
CA GLN E 125 12.69 28.50 46.97
C GLN E 125 11.71 29.03 48.01
N LEU E 126 12.03 28.90 49.29
CA LEU E 126 11.18 29.47 50.33
C LEU E 126 11.12 30.98 50.24
N LYS E 127 12.17 31.61 49.71
CA LYS E 127 12.16 33.06 49.56
C LYS E 127 11.09 33.51 48.56
N SER E 128 10.83 32.70 47.53
CA SER E 128 9.86 33.08 46.51
C SER E 128 8.42 32.83 46.90
N GLY E 129 8.18 32.14 48.02
CA GLY E 129 6.83 31.91 48.49
C GLY E 129 6.22 30.57 48.14
N THR E 130 7.04 29.55 47.87
CA THR E 130 6.53 28.23 47.53
C THR E 130 7.48 27.19 48.08
N ALA E 131 6.91 26.08 48.56
CA ALA E 131 7.70 24.98 49.12
C ALA E 131 7.42 23.70 48.33
N SER E 132 8.48 22.99 47.96
CA SER E 132 8.38 21.80 47.13
C SER E 132 9.23 20.70 47.75
N VAL E 133 8.61 19.55 48.02
CA VAL E 133 9.30 18.38 48.58
C VAL E 133 9.32 17.29 47.53
N VAL E 134 10.44 16.58 47.44
CA VAL E 134 10.66 15.58 46.40
C VAL E 134 11.02 14.24 47.06
N CYS E 135 10.30 13.19 46.68
CA CYS E 135 10.60 11.82 47.08
C CYS E 135 11.02 11.05 45.85
N LEU E 136 12.21 10.44 45.91
CA LEU E 136 12.82 9.82 44.75
C LEU E 136 12.92 8.31 44.93
N LEU E 137 12.53 7.57 43.88
CA LEU E 137 12.71 6.14 43.82
C LEU E 137 13.71 5.82 42.71
N ASN E 138 14.58 4.85 42.94
CA ASN E 138 15.71 4.65 42.05
C ASN E 138 15.90 3.18 41.71
N ASN E 139 15.95 2.87 40.41
CA ASN E 139 16.39 1.58 39.89
C ASN E 139 15.55 0.43 40.45
N PHE E 140 14.28 0.43 40.10
CA PHE E 140 13.37 -0.62 40.52
C PHE E 140 12.76 -1.31 39.32
N TYR E 141 12.13 -2.47 39.59
CA TYR E 141 11.42 -3.26 38.59
C TYR E 141 10.48 -4.18 39.35
N PRO E 142 9.24 -4.37 38.90
CA PRO E 142 8.58 -3.78 37.72
C PRO E 142 8.15 -2.34 37.93
N ARG E 143 7.39 -1.80 36.98
CA ARG E 143 7.08 -0.38 36.99
C ARG E 143 6.09 -0.02 38.09
N GLU E 144 5.18 -0.93 38.43
CA GLU E 144 4.12 -0.60 39.37
C GLU E 144 4.69 -0.29 40.74
N ALA E 145 4.48 0.94 41.20
CA ALA E 145 4.90 1.35 42.53
C ALA E 145 3.91 2.38 43.04
N LYS E 146 3.86 2.52 44.36
CA LYS E 146 2.88 3.38 45.02
C LYS E 146 3.60 4.29 46.00
N VAL E 147 3.33 5.59 45.91
CA VAL E 147 3.93 6.57 46.79
C VAL E 147 2.83 7.37 47.47
N GLN E 148 2.88 7.43 48.80
CA GLN E 148 1.90 8.16 49.59
C GLN E 148 2.59 9.27 50.37
N TRP E 149 1.94 10.43 50.44
CA TRP E 149 2.49 11.60 51.12
C TRP E 149 1.76 11.79 52.44
N LYS E 150 2.52 11.87 53.52
CA LYS E 150 1.96 12.03 54.85
C LYS E 150 2.58 13.23 55.54
N VAL E 151 1.74 14.14 56.01
CA VAL E 151 2.17 15.36 56.67
C VAL E 151 1.68 15.32 58.10
N ASP E 152 2.60 15.14 59.05
CA ASP E 152 2.25 14.93 60.46
C ASP E 152 1.27 13.77 60.61
N ASN E 153 1.50 12.71 59.83
CA ASN E 153 0.63 11.53 59.79
C ASN E 153 -0.78 11.87 59.32
N ALA E 154 -0.92 12.94 58.54
CA ALA E 154 -2.18 13.28 57.88
C ALA E 154 -2.03 12.97 56.41
N LEU E 155 -2.80 12.00 55.92
CA LEU E 155 -2.68 11.54 54.55
C LEU E 155 -3.11 12.64 53.57
N GLN E 156 -2.24 12.95 52.63
CA GLN E 156 -2.51 13.95 51.61
C GLN E 156 -3.01 13.30 50.32
N SER E 157 -3.62 14.11 49.47
CA SER E 157 -4.07 13.64 48.17
C SER E 157 -4.44 14.84 47.30
N GLY E 158 -4.13 14.74 46.01
CA GLY E 158 -4.53 15.71 45.02
C GLY E 158 -3.44 16.65 44.56
N ASN E 159 -2.48 16.97 45.43
CA ASN E 159 -1.46 17.98 45.13
C ASN E 159 -0.09 17.34 44.94
N SER E 160 -0.02 16.21 44.24
CA SER E 160 1.24 15.57 43.92
C SER E 160 1.27 15.16 42.45
N GLN E 161 2.47 15.09 41.89
CA GLN E 161 2.66 14.69 40.50
C GLN E 161 3.87 13.77 40.42
N GLU E 162 3.84 12.85 39.46
CA GLU E 162 4.90 11.86 39.30
C GLU E 162 5.44 11.87 37.89
N SER E 163 6.70 11.48 37.75
CA SER E 163 7.35 11.35 36.46
C SER E 163 8.19 10.09 36.47
N VAL E 164 8.04 9.26 35.43
CA VAL E 164 8.76 8.00 35.33
C VAL E 164 9.59 8.01 34.05
N THR E 165 10.86 7.67 34.17
CA THR E 165 11.73 7.57 33.01
C THR E 165 11.33 6.38 32.15
N GLU E 166 12.07 6.20 31.08
CA GLU E 166 11.89 5.05 30.20
C GLU E 166 12.77 3.92 30.67
N GLN E 167 12.43 2.70 30.26
CA GLN E 167 13.20 1.55 30.69
C GLN E 167 14.66 1.71 30.27
N ASP E 168 15.56 1.50 31.22
CA ASP E 168 16.97 1.75 30.99
C ASP E 168 17.53 0.85 29.89
N SER E 169 18.62 1.29 29.29
CA SER E 169 19.25 0.54 28.21
C SER E 169 20.25 -0.48 28.70
N LYS E 170 20.87 -0.25 29.86
CA LYS E 170 21.86 -1.18 30.39
C LYS E 170 21.22 -2.28 31.24
N ASP E 171 20.50 -1.89 32.29
CA ASP E 171 19.94 -2.86 33.24
C ASP E 171 18.42 -2.94 33.19
N SER E 172 17.77 -2.15 32.34
CA SER E 172 16.32 -2.25 32.11
C SER E 172 15.50 -1.98 33.37
N THR E 173 15.92 -1.01 34.16
CA THR E 173 15.16 -0.60 35.34
C THR E 173 14.53 0.77 35.10
N TYR E 174 13.74 1.22 36.06
CA TYR E 174 13.03 2.49 35.98
C TYR E 174 13.51 3.43 37.07
N SER E 175 12.94 4.63 37.08
CA SER E 175 13.11 5.58 38.17
C SER E 175 11.86 6.43 38.27
N LEU E 176 11.61 6.97 39.46
CA LEU E 176 10.37 7.68 39.70
C LEU E 176 10.63 8.82 40.67
N SER E 177 9.92 9.93 40.48
CA SER E 177 10.02 11.07 41.38
C SER E 177 8.64 11.65 41.59
N SER E 178 8.25 11.83 42.84
CA SER E 178 6.96 12.41 43.21
C SER E 178 7.22 13.72 43.93
N THR E 179 6.52 14.77 43.50
CA THR E 179 6.73 16.13 44.01
C THR E 179 5.48 16.62 44.72
N LEU E 180 5.65 17.10 45.95
CA LEU E 180 4.57 17.67 46.73
C LEU E 180 4.72 19.18 46.78
N THR E 181 3.67 19.88 46.38
CA THR E 181 3.67 21.33 46.28
C THR E 181 2.84 21.93 47.40
N LEU E 182 3.40 22.94 48.08
CA LEU E 182 2.72 23.61 49.17
C LEU E 182 3.07 25.09 49.13
N SER E 183 2.21 25.90 49.76
CA SER E 183 2.50 27.31 49.92
C SER E 183 3.44 27.51 51.11
N LYS E 184 3.87 28.76 51.32
CA LYS E 184 4.78 29.04 52.42
C LYS E 184 4.08 28.88 53.76
N ALA E 185 2.87 29.42 53.89
CA ALA E 185 2.14 29.33 55.14
C ALA E 185 1.84 27.88 55.49
N ASP E 186 1.33 27.11 54.53
CA ASP E 186 0.99 25.72 54.80
C ASP E 186 2.22 24.89 55.12
N TYR E 187 3.35 25.21 54.50
CA TYR E 187 4.59 24.51 54.82
C TYR E 187 5.09 24.87 56.21
N GLU E 188 4.88 26.12 56.62
CA GLU E 188 5.28 26.53 57.96
C GLU E 188 4.32 26.03 59.04
N LYS E 189 3.12 25.60 58.66
CA LYS E 189 2.14 25.18 59.66
C LYS E 189 2.51 23.84 60.30
N HIS E 190 2.96 22.87 59.50
CA HIS E 190 3.27 21.55 60.01
C HIS E 190 4.76 21.41 60.32
N LYS E 191 5.13 20.24 60.85
CA LYS E 191 6.50 19.98 61.29
C LYS E 191 7.14 18.79 60.59
N VAL E 192 6.46 17.66 60.48
CA VAL E 192 7.07 16.40 60.05
C VAL E 192 6.50 16.00 58.71
N TYR E 193 7.39 15.61 57.78
CA TYR E 193 7.01 15.20 56.43
C TYR E 193 7.61 13.83 56.14
N ALA E 194 6.90 13.03 55.37
CA ALA E 194 7.36 11.68 55.05
C ALA E 194 6.62 11.14 53.84
N CYS E 195 7.31 10.33 53.05
CA CYS E 195 6.72 9.61 51.93
C CYS E 195 6.77 8.12 52.20
N GLU E 196 5.66 7.43 51.96
CA GLU E 196 5.54 6.00 52.22
C GLU E 196 5.47 5.27 50.89
N VAL E 197 6.47 4.43 50.63
CA VAL E 197 6.64 3.76 49.35
C VAL E 197 6.28 2.28 49.50
N THR E 198 5.53 1.76 48.54
CA THR E 198 5.11 0.36 48.53
C THR E 198 5.44 -0.24 47.18
N HIS E 199 6.24 -1.30 47.18
CA HIS E 199 6.64 -1.96 45.95
C HIS E 199 6.66 -3.46 46.18
N GLN E 200 6.50 -4.21 45.07
CA GLN E 200 6.48 -5.66 45.15
C GLN E 200 7.78 -6.21 45.72
N GLY E 201 8.92 -5.66 45.26
CA GLY E 201 10.20 -6.12 45.73
C GLY E 201 10.52 -5.78 47.17
N LEU E 202 9.68 -5.01 47.84
CA LEU E 202 9.89 -4.66 49.23
C LEU E 202 9.03 -5.55 50.12
N SER E 203 9.62 -5.97 51.24
CA SER E 203 8.91 -6.83 52.19
C SER E 203 7.86 -6.07 52.99
N SER E 204 7.93 -4.74 53.01
CA SER E 204 7.00 -3.92 53.76
C SER E 204 7.13 -2.47 53.32
N PRO E 205 6.07 -1.67 53.41
CA PRO E 205 6.17 -0.26 53.06
C PRO E 205 7.29 0.44 53.81
N VAL E 206 8.10 1.20 53.05
CA VAL E 206 9.26 1.90 53.58
C VAL E 206 8.94 3.38 53.66
N THR E 207 9.38 4.03 54.73
CA THR E 207 9.09 5.43 54.97
C THR E 207 10.39 6.18 55.26
N LYS E 208 10.61 7.27 54.53
CA LYS E 208 11.67 8.22 54.80
C LYS E 208 11.05 9.54 55.23
N SER E 209 11.67 10.18 56.22
CA SER E 209 11.11 11.39 56.79
C SER E 209 12.22 12.38 57.11
N PHE E 210 11.81 13.61 57.43
CA PHE E 210 12.74 14.64 57.89
C PHE E 210 11.97 15.61 58.76
N ASN E 211 12.70 16.29 59.63
CA ASN E 211 12.14 17.26 60.55
C ASN E 211 12.38 18.69 60.05
N ARG E 212 11.34 19.52 60.18
CA ARG E 212 11.45 20.91 59.77
C ARG E 212 12.42 21.65 60.67
N GLY E 213 13.30 22.44 60.07
CA GLY E 213 14.31 23.17 60.81
C GLY E 213 15.65 22.47 60.87
N GLU E 214 15.61 21.15 60.98
CA GLU E 214 16.85 20.36 61.03
C GLU E 214 17.28 19.97 59.61
#